data_3S7E
#
_entry.id   3S7E
#
_cell.length_a   93.368
_cell.length_b   93.368
_cell.length_c   237.111
_cell.angle_alpha   90.00
_cell.angle_beta   90.00
_cell.angle_gamma   120.00
#
_symmetry.space_group_name_H-M   'H 3'
#
loop_
_entity.id
_entity.type
_entity.pdbx_description
1 polymer 'Allergen Ara h 1, clone P41B'
2 non-polymer 'CHLORIDE ION'
3 water water
#
_entity_poly.entity_id   1
_entity_poly.type   'polypeptide(L)'
_entity_poly.pdbx_seq_one_letter_code
;MSRNNPFYFPSRRFSTRYGNQNGRIRVLQRFDQRSRQFQNLQNHRIVQIEAKPNTLVLPKHADADNILVIQQGQATVTVA
NGNNRKSFNLDEGHALRIPSGFISYILNRHDNQNLRVAKISMPVNTPGQFEDFFPASSRDQSSYLQGFSRNTLEAAFNAE
FNEIRRVLLEENAGGEQEERGQRRWSTRSSENNEGVIVKVSKEHVEELTKHAKSVSKKGSEEEGDITNPINLREGEPDLS
NNFGKLFEVKPDKKNPQLQDLDMMLTCVEIKEGALMLPHFNSKAMVIVVVNKGTGNLELVAVRKEQQQRGRREEEEDEDE
EEEGSNREVRRYTARLKEGDVFIMPAAHPVAINASSELHLLGFGINAENNHRIFLAGDKDNVIDQIEKQAKDLAFPGSGE
QVEKLIKNQKESHFVSAR
;
_entity_poly.pdbx_strand_id   A,B
#
loop_
_chem_comp.id
_chem_comp.type
_chem_comp.name
_chem_comp.formula
CL non-polymer 'CHLORIDE ION' 'Cl -1'
#
# COMPACT_ATOMS: atom_id res chain seq x y z
N ARG A 3 -0.96 -3.48 1.38
CA ARG A 3 -1.60 -2.40 0.59
C ARG A 3 -0.55 -1.41 0.13
N ASN A 4 -0.57 -0.19 0.69
CA ASN A 4 0.32 0.91 0.28
C ASN A 4 1.76 0.44 0.05
N ASN A 5 2.20 -0.51 0.87
CA ASN A 5 3.60 -0.95 0.87
C ASN A 5 3.84 -2.33 0.22
N PRO A 6 4.49 -2.34 -0.97
CA PRO A 6 4.89 -3.57 -1.64
C PRO A 6 6.16 -4.17 -1.04
N PHE A 7 6.90 -3.35 -0.28
CA PHE A 7 8.13 -3.79 0.39
C PHE A 7 7.88 -4.49 1.73
N TYR A 8 6.67 -4.33 2.29
CA TYR A 8 6.29 -4.91 3.59
C TYR A 8 5.42 -6.16 3.41
N PHE A 9 5.87 -7.30 3.95
CA PHE A 9 5.12 -8.57 3.93
C PHE A 9 4.92 -9.09 5.35
N PRO A 10 3.67 -9.06 5.85
CA PRO A 10 3.35 -9.67 7.13
C PRO A 10 2.74 -11.06 6.98
N SER A 11 2.23 -11.59 8.08
CA SER A 11 1.64 -12.94 8.16
C SER A 11 0.62 -13.30 7.07
N ARG A 12 -0.34 -12.42 6.79
CA ARG A 12 -1.36 -12.66 5.74
C ARG A 12 -0.77 -12.95 4.36
N ARG A 13 0.47 -12.50 4.14
CA ARG A 13 1.23 -12.85 2.92
C ARG A 13 1.82 -14.24 3.06
N PHE A 14 2.07 -14.63 4.32
CA PHE A 14 2.55 -15.97 4.64
C PHE A 14 1.38 -16.95 4.58
N SER A 15 1.46 -17.89 3.64
CA SER A 15 0.55 -19.03 3.58
C SER A 15 1.08 -20.12 4.50
N THR A 16 0.32 -21.20 4.65
CA THR A 16 0.71 -22.34 5.51
C THR A 16 0.72 -23.69 4.76
N ARG A 17 1.93 -24.20 4.53
CA ARG A 17 2.13 -25.45 3.77
C ARG A 17 1.75 -26.68 4.63
N TYR A 18 1.96 -26.55 5.95
CA TYR A 18 1.81 -27.68 6.87
C TYR A 18 1.53 -27.18 8.28
N GLY A 19 0.52 -27.73 8.94
CA GLY A 19 0.16 -27.24 10.29
C GLY A 19 -0.55 -28.20 11.22
N ASN A 20 0.14 -28.61 12.28
CA ASN A 20 -0.48 -29.44 13.32
C ASN A 20 -0.26 -28.86 14.73
N GLN A 21 -0.73 -29.59 15.74
CA GLN A 21 -0.56 -29.17 17.15
C GLN A 21 0.90 -29.24 17.67
N ASN A 22 1.78 -29.85 16.90
CA ASN A 22 3.19 -29.98 17.25
C ASN A 22 4.11 -28.99 16.54
N GLY A 23 3.50 -28.10 15.75
CA GLY A 23 4.24 -27.07 15.01
C GLY A 23 3.63 -26.71 13.66
N ARG A 24 4.33 -25.87 12.90
CA ARG A 24 3.83 -25.39 11.59
C ARG A 24 4.95 -24.81 10.73
N ILE A 25 4.72 -24.78 9.42
CA ILE A 25 5.70 -24.31 8.44
C ILE A 25 5.08 -23.33 7.45
N ARG A 26 5.52 -22.09 7.50
CA ARG A 26 4.98 -21.04 6.66
C ARG A 26 5.90 -20.75 5.50
N VAL A 27 5.34 -20.53 4.31
CA VAL A 27 6.13 -20.27 3.10
C VAL A 27 5.67 -18.98 2.45
N LEU A 28 6.56 -17.98 2.38
CA LEU A 28 6.20 -16.66 1.88
C LEU A 28 6.10 -16.63 0.35
N GLN A 29 5.06 -15.98 -0.14
CA GLN A 29 4.75 -15.95 -1.57
C GLN A 29 5.87 -15.31 -2.39
N ARG A 30 5.98 -15.78 -3.63
CA ARG A 30 6.97 -15.31 -4.59
C ARG A 30 6.95 -13.78 -4.75
N PHE A 31 8.05 -13.13 -4.40
CA PHE A 31 8.16 -11.66 -4.50
C PHE A 31 7.73 -11.11 -5.86
N ASP A 32 7.97 -11.90 -6.91
CA ASP A 32 7.59 -11.50 -8.27
C ASP A 32 6.10 -11.84 -8.50
N GLN A 33 5.28 -10.97 -7.95
CA GLN A 33 3.84 -11.06 -8.08
C GLN A 33 3.34 -9.64 -7.79
N ARG A 34 3.44 -9.27 -6.52
CA ARG A 34 3.12 -7.95 -6.02
C ARG A 34 3.72 -6.85 -6.89
N SER A 35 4.99 -7.03 -7.27
CA SER A 35 5.71 -6.02 -8.06
C SER A 35 6.96 -6.57 -8.72
N ARG A 36 7.29 -6.03 -9.89
CA ARG A 36 8.58 -6.24 -10.54
C ARG A 36 9.67 -5.29 -10.00
N GLN A 37 9.36 -4.60 -8.90
CA GLN A 37 10.30 -3.68 -8.25
C GLN A 37 11.52 -4.41 -7.71
N PHE A 38 11.31 -5.67 -7.37
CA PHE A 38 12.41 -6.61 -7.11
C PHE A 38 12.10 -7.94 -7.79
N GLN A 39 12.15 -7.91 -9.11
CA GLN A 39 12.13 -9.12 -9.93
C GLN A 39 13.33 -10.01 -9.65
N ASN A 40 14.49 -9.37 -9.48
CA ASN A 40 15.76 -10.07 -9.27
C ASN A 40 15.87 -10.81 -7.92
N LEU A 41 14.82 -10.77 -7.11
CA LEU A 41 14.74 -11.58 -5.87
C LEU A 41 13.92 -12.87 -6.07
N GLN A 42 13.31 -13.03 -7.24
CA GLN A 42 12.38 -14.13 -7.52
C GLN A 42 12.85 -15.55 -7.19
N ASN A 43 14.16 -15.78 -7.16
CA ASN A 43 14.67 -17.12 -6.77
C ASN A 43 14.83 -17.30 -5.25
N HIS A 44 14.47 -16.29 -4.48
CA HIS A 44 14.63 -16.32 -3.04
C HIS A 44 13.30 -16.32 -2.34
N ARG A 45 12.96 -17.50 -1.83
CA ARG A 45 11.70 -17.79 -1.14
C ARG A 45 12.00 -17.94 0.35
N ILE A 46 11.11 -17.41 1.18
CA ILE A 46 11.28 -17.42 2.64
C ILE A 46 10.40 -18.46 3.30
N VAL A 47 10.98 -19.22 4.21
CA VAL A 47 10.26 -20.17 5.06
C VAL A 47 10.43 -19.78 6.53
N GLN A 48 9.39 -20.00 7.33
CA GLN A 48 9.46 -19.82 8.77
C GLN A 48 8.82 -21.04 9.42
N ILE A 49 9.48 -21.55 10.44
CA ILE A 49 9.13 -22.82 11.06
C ILE A 49 8.94 -22.61 12.53
N GLU A 50 7.94 -23.25 13.10
CA GLU A 50 7.74 -23.22 14.54
C GLU A 50 7.27 -24.57 15.06
N ALA A 51 8.04 -25.16 15.98
CA ALA A 51 7.76 -26.51 16.52
C ALA A 51 7.89 -26.56 18.05
N LYS A 52 6.91 -27.19 18.72
CA LYS A 52 6.83 -27.14 20.19
C LYS A 52 8.03 -27.86 20.82
N PRO A 53 8.16 -27.84 22.16
CA PRO A 53 9.24 -28.62 22.76
C PRO A 53 9.11 -30.14 22.51
N ASN A 54 10.25 -30.83 22.45
CA ASN A 54 10.32 -32.28 22.16
C ASN A 54 9.46 -32.75 20.98
N THR A 55 9.69 -32.14 19.82
CA THR A 55 9.07 -32.61 18.56
C THR A 55 10.12 -32.67 17.46
N LEU A 56 9.67 -32.96 16.23
CA LEU A 56 10.60 -33.14 15.12
C LEU A 56 9.96 -32.91 13.76
N VAL A 57 10.61 -32.10 12.93
CA VAL A 57 10.28 -32.02 11.50
C VAL A 57 10.89 -33.22 10.77
N LEU A 58 10.07 -34.01 10.11
CA LEU A 58 10.52 -35.27 9.52
C LEU A 58 11.44 -35.13 8.32
N PRO A 59 12.13 -36.22 7.97
CA PRO A 59 13.00 -36.27 6.81
C PRO A 59 12.39 -35.87 5.47
N LYS A 60 13.17 -35.08 4.74
CA LYS A 60 12.90 -34.75 3.36
C LYS A 60 14.05 -33.97 2.78
N HIS A 61 13.98 -33.77 1.47
CA HIS A 61 14.84 -32.81 0.79
C HIS A 61 14.04 -32.05 -0.24
N ALA A 62 14.63 -30.96 -0.72
CA ALA A 62 14.00 -30.10 -1.72
C ALA A 62 14.92 -30.01 -2.91
N ASP A 63 14.36 -29.54 -4.03
CA ASP A 63 15.16 -29.22 -5.22
C ASP A 63 15.52 -27.74 -5.18
N ALA A 64 15.85 -27.28 -3.97
CA ALA A 64 16.13 -25.88 -3.71
C ALA A 64 17.27 -25.76 -2.72
N ASP A 65 18.29 -24.97 -3.07
CA ASP A 65 19.37 -24.67 -2.13
C ASP A 65 18.79 -23.99 -0.88
N ASN A 66 19.50 -24.05 0.24
CA ASN A 66 18.94 -23.59 1.51
C ASN A 66 20.00 -23.16 2.54
N ILE A 67 19.76 -22.02 3.16
CA ILE A 67 20.50 -21.60 4.34
C ILE A 67 19.48 -21.38 5.43
N LEU A 68 19.82 -21.83 6.64
CA LEU A 68 18.88 -22.00 7.73
C LEU A 68 19.43 -21.28 8.94
N VAL A 69 18.56 -20.68 9.74
CA VAL A 69 18.98 -19.83 10.85
C VAL A 69 18.03 -19.88 12.05
N ILE A 70 18.59 -20.10 13.23
CA ILE A 70 17.84 -20.22 14.48
C ILE A 70 17.42 -18.84 14.99
N GLN A 71 16.11 -18.59 14.92
CA GLN A 71 15.51 -17.26 15.16
C GLN A 71 15.02 -17.11 16.62
N GLN A 72 14.42 -18.17 17.16
CA GLN A 72 14.16 -18.29 18.63
C GLN A 72 14.37 -19.73 19.10
N GLY A 73 14.85 -19.88 20.33
CA GLY A 73 14.89 -21.18 20.99
C GLY A 73 16.12 -22.04 20.75
N GLN A 74 15.92 -23.35 20.84
CA GLN A 74 17.03 -24.30 20.76
C GLN A 74 16.69 -25.50 19.87
N ALA A 75 17.71 -26.03 19.22
CA ALA A 75 17.50 -26.96 18.12
C ALA A 75 18.68 -27.85 17.90
N THR A 76 18.40 -29.05 17.43
CA THR A 76 19.40 -29.98 16.94
C THR A 76 19.02 -30.42 15.53
N VAL A 77 19.83 -29.99 14.56
CA VAL A 77 19.59 -30.20 13.13
C VAL A 77 20.55 -31.24 12.56
N THR A 78 20.05 -32.00 11.58
CA THR A 78 20.78 -33.07 10.92
C THR A 78 20.75 -32.87 9.42
N VAL A 79 21.92 -32.75 8.80
CA VAL A 79 22.01 -32.86 7.34
C VAL A 79 22.38 -34.30 7.04
N ALA A 80 22.00 -34.80 5.88
CA ALA A 80 22.31 -36.18 5.47
C ALA A 80 22.67 -36.29 4.00
N ASN A 81 23.49 -37.28 3.68
CA ASN A 81 24.12 -37.42 2.36
C ASN A 81 23.87 -38.85 1.86
N GLY A 82 24.45 -39.20 0.72
CA GLY A 82 24.39 -40.56 0.20
C GLY A 82 25.32 -41.49 0.95
N ASN A 83 26.37 -40.91 1.49
CA ASN A 83 27.37 -41.66 2.22
C ASN A 83 27.69 -41.08 3.56
N ASN A 84 27.01 -40.02 3.94
CA ASN A 84 27.31 -39.34 5.19
C ASN A 84 26.20 -38.65 5.87
N ARG A 85 26.09 -38.77 7.17
CA ARG A 85 25.20 -37.98 7.98
C ARG A 85 26.03 -36.98 8.81
N LYS A 86 25.47 -35.96 9.38
CA LYS A 86 26.22 -35.13 10.30
C LYS A 86 25.41 -34.12 11.07
N SER A 87 24.76 -34.50 12.16
CA SER A 87 23.98 -33.55 12.97
C SER A 87 24.74 -32.62 13.92
N PHE A 88 24.20 -31.41 14.08
CA PHE A 88 24.76 -30.35 14.94
C PHE A 88 23.68 -29.80 15.87
N ASN A 89 24.05 -29.18 16.97
CA ASN A 89 23.07 -28.51 17.83
C ASN A 89 23.28 -27.07 17.51
N LEU A 90 22.19 -26.34 17.28
CA LEU A 90 22.22 -24.92 16.96
C LEU A 90 21.36 -24.12 17.93
N ASP A 91 21.99 -23.19 18.63
CA ASP A 91 21.28 -22.19 19.42
C ASP A 91 21.06 -20.94 18.54
N GLU A 92 20.38 -19.92 19.06
CA GLU A 92 19.93 -18.79 18.22
C GLU A 92 21.05 -18.03 17.48
N GLY A 93 20.70 -17.44 16.35
CA GLY A 93 21.67 -16.68 15.55
C GLY A 93 22.77 -17.57 14.99
N HIS A 94 22.48 -18.86 14.90
CA HIS A 94 23.33 -19.83 14.23
C HIS A 94 22.80 -20.13 12.84
N ALA A 95 23.69 -20.07 11.85
CA ALA A 95 23.36 -20.33 10.45
C ALA A 95 23.81 -21.73 10.05
N LEU A 96 22.97 -22.43 9.30
CA LEU A 96 23.34 -23.72 8.73
C LEU A 96 22.91 -23.78 7.28
N ARG A 97 23.67 -24.49 6.47
CA ARG A 97 23.44 -24.54 5.05
C ARG A 97 23.08 -25.99 4.71
N ILE A 98 21.88 -26.20 4.19
CA ILE A 98 21.46 -27.51 3.65
C ILE A 98 21.47 -27.46 2.13
N PRO A 99 22.50 -28.05 1.49
CA PRO A 99 22.47 -28.11 0.03
C PRO A 99 21.22 -28.73 -0.56
N SER A 100 21.19 -28.79 -1.88
CA SER A 100 20.08 -29.30 -2.65
C SER A 100 20.19 -30.80 -2.72
N GLY A 101 19.07 -31.49 -2.55
CA GLY A 101 19.01 -32.95 -2.70
C GLY A 101 19.46 -33.71 -1.48
N PHE A 102 19.80 -32.96 -0.44
CA PHE A 102 20.34 -33.51 0.80
C PHE A 102 19.22 -33.61 1.81
N ILE A 103 19.16 -34.74 2.49
CA ILE A 103 18.12 -34.99 3.47
C ILE A 103 18.40 -34.28 4.78
N SER A 104 17.35 -33.76 5.41
CA SER A 104 17.50 -33.08 6.69
C SER A 104 16.22 -33.02 7.53
N TYR A 105 16.41 -32.96 8.85
CA TYR A 105 15.31 -32.87 9.82
C TYR A 105 15.73 -32.03 11.02
N ILE A 106 14.75 -31.43 11.68
CA ILE A 106 15.02 -30.56 12.83
C ILE A 106 14.26 -31.00 14.07
N LEU A 107 14.97 -31.11 15.19
CA LEU A 107 14.32 -31.42 16.47
C LEU A 107 14.51 -30.30 17.50
N ASN A 108 13.44 -30.01 18.23
CA ASN A 108 13.46 -29.04 19.29
C ASN A 108 14.05 -29.66 20.51
N ARG A 109 15.34 -29.42 20.68
CA ARG A 109 16.10 -29.90 21.82
C ARG A 109 15.47 -29.52 23.18
N HIS A 110 14.88 -28.33 23.24
CA HIS A 110 14.46 -27.72 24.50
C HIS A 110 13.24 -28.43 25.09
N ASP A 111 13.19 -28.45 26.41
CA ASP A 111 12.16 -29.16 27.18
C ASP A 111 10.90 -28.30 27.37
N ASN A 112 11.08 -27.06 27.78
CA ASN A 112 9.96 -26.14 28.06
C ASN A 112 9.79 -24.98 27.05
N GLN A 113 10.87 -24.58 26.38
CA GLN A 113 10.85 -23.45 25.41
C GLN A 113 10.76 -23.94 23.97
N ASN A 114 10.40 -23.04 23.08
CA ASN A 114 10.05 -23.37 21.69
C ASN A 114 11.24 -23.28 20.74
N LEU A 115 10.98 -23.58 19.46
CA LEU A 115 11.88 -23.23 18.35
C LEU A 115 11.15 -22.57 17.18
N ARG A 116 11.76 -21.52 16.62
CA ARG A 116 11.18 -20.70 15.53
C ARG A 116 12.24 -20.48 14.44
N VAL A 117 12.56 -21.54 13.73
CA VAL A 117 13.61 -21.55 12.69
C VAL A 117 13.16 -20.75 11.44
N ALA A 118 14.09 -19.95 10.89
CA ALA A 118 13.87 -19.26 9.62
C ALA A 118 14.88 -19.67 8.53
N LYS A 119 14.38 -20.21 7.43
CA LYS A 119 15.21 -20.57 6.27
C LYS A 119 14.96 -19.73 5.03
N ILE A 120 16.02 -19.47 4.28
CA ILE A 120 15.88 -19.00 2.93
C ILE A 120 15.99 -20.23 2.05
N SER A 121 15.20 -20.27 0.98
CA SER A 121 15.35 -21.32 -0.02
C SER A 121 15.59 -20.72 -1.38
N MET A 122 16.32 -21.49 -2.19
CA MET A 122 16.86 -21.10 -3.50
C MET A 122 16.53 -22.22 -4.53
N PRO A 123 15.41 -22.10 -5.29
CA PRO A 123 14.99 -23.13 -6.24
C PRO A 123 15.93 -23.36 -7.41
N VAL A 124 16.21 -24.65 -7.66
CA VAL A 124 17.16 -25.08 -8.70
C VAL A 124 16.51 -25.24 -10.06
N ASN A 125 15.34 -25.85 -10.08
CA ASN A 125 14.76 -26.23 -11.37
C ASN A 125 13.91 -25.13 -11.97
N THR A 126 12.97 -24.63 -11.18
CA THR A 126 12.01 -23.65 -11.65
C THR A 126 12.26 -22.37 -10.87
N PRO A 127 12.36 -21.22 -11.57
CA PRO A 127 12.91 -20.01 -10.99
C PRO A 127 12.35 -19.64 -9.63
N GLY A 128 11.03 -19.72 -9.49
CA GLY A 128 10.37 -19.36 -8.24
C GLY A 128 9.93 -20.52 -7.35
N GLN A 129 10.04 -21.75 -7.85
CA GLN A 129 9.40 -22.89 -7.20
C GLN A 129 10.34 -24.01 -6.72
N PHE A 130 10.03 -24.53 -5.53
CA PHE A 130 10.66 -25.72 -4.96
C PHE A 130 9.59 -26.59 -4.31
N GLU A 131 9.77 -27.90 -4.34
CA GLU A 131 8.93 -28.82 -3.59
C GLU A 131 9.75 -29.64 -2.59
N ASP A 132 9.06 -30.24 -1.63
CA ASP A 132 9.66 -31.20 -0.71
C ASP A 132 9.47 -32.60 -1.25
N PHE A 133 10.44 -33.46 -0.95
CA PHE A 133 10.40 -34.88 -1.24
C PHE A 133 10.58 -35.70 0.04
N PHE A 134 9.50 -36.31 0.52
CA PHE A 134 9.56 -37.11 1.75
C PHE A 134 9.72 -38.59 1.40
N PRO A 135 10.73 -39.26 2.00
CA PRO A 135 10.80 -40.70 1.78
C PRO A 135 9.62 -41.43 2.42
N ALA A 136 9.11 -40.89 3.53
CA ALA A 136 8.00 -41.48 4.28
C ALA A 136 6.65 -40.85 3.95
N SER A 137 5.61 -41.69 3.84
CA SER A 137 4.23 -41.21 3.71
C SER A 137 3.65 -40.87 5.06
N SER A 138 2.70 -39.94 5.07
CA SER A 138 2.01 -39.57 6.30
C SER A 138 0.68 -38.87 6.02
N ARG A 139 0.05 -38.36 7.08
CA ARG A 139 -1.27 -37.73 7.02
C ARG A 139 -1.36 -36.59 6.00
N ASP A 140 -0.30 -35.79 5.93
CA ASP A 140 -0.33 -34.51 5.19
C ASP A 140 0.33 -34.56 3.82
N GLN A 141 1.04 -35.63 3.53
CA GLN A 141 1.75 -35.79 2.27
C GLN A 141 1.97 -37.26 1.95
N SER A 142 2.67 -37.52 0.85
CA SER A 142 2.85 -38.87 0.32
C SER A 142 4.35 -39.16 0.10
N SER A 143 4.72 -40.44 0.17
CA SER A 143 6.11 -40.85 -0.07
C SER A 143 6.39 -40.89 -1.57
N TYR A 144 7.59 -40.44 -1.95
CA TYR A 144 7.98 -40.39 -3.38
C TYR A 144 8.37 -41.76 -3.96
N LEU A 145 8.40 -42.77 -3.11
CA LEU A 145 8.61 -44.16 -3.52
C LEU A 145 7.32 -44.85 -3.93
N GLN A 146 6.18 -44.29 -3.50
CA GLN A 146 4.87 -44.79 -3.94
C GLN A 146 4.66 -44.62 -5.43
N GLY A 147 5.32 -43.63 -6.02
CA GLY A 147 5.24 -43.37 -7.45
C GLY A 147 6.17 -44.24 -8.28
N PHE A 148 6.74 -45.26 -7.66
CA PHE A 148 7.50 -46.28 -8.40
C PHE A 148 6.62 -47.49 -8.75
N SER A 149 7.20 -48.52 -9.36
CA SER A 149 6.42 -49.68 -9.79
C SER A 149 6.54 -50.83 -8.80
N ARG A 150 5.66 -51.82 -8.97
CA ARG A 150 5.68 -53.02 -8.15
C ARG A 150 7.02 -53.71 -8.36
N ASN A 151 7.34 -53.98 -9.62
CA ASN A 151 8.56 -54.71 -9.98
C ASN A 151 9.86 -54.00 -9.56
N THR A 152 9.91 -52.70 -9.79
CA THR A 152 11.13 -51.94 -9.56
C THR A 152 11.39 -51.92 -8.08
N LEU A 153 10.46 -51.39 -7.32
CA LEU A 153 10.57 -51.40 -5.86
C LEU A 153 11.10 -52.76 -5.37
N GLU A 154 10.40 -53.84 -5.74
CA GLU A 154 10.80 -55.18 -5.32
C GLU A 154 12.24 -55.47 -5.72
N ALA A 155 12.53 -55.23 -6.99
CA ALA A 155 13.88 -55.39 -7.56
C ALA A 155 14.90 -54.53 -6.83
N ALA A 156 14.59 -53.25 -6.68
CA ALA A 156 15.48 -52.31 -5.99
C ALA A 156 15.81 -52.79 -4.58
N PHE A 157 14.75 -53.00 -3.80
CA PHE A 157 14.86 -53.27 -2.37
C PHE A 157 15.10 -54.74 -1.98
N ASN A 158 15.02 -55.66 -2.93
CA ASN A 158 15.19 -57.11 -2.67
C ASN A 158 14.09 -57.65 -1.74
N ALA A 159 12.83 -57.61 -2.20
CA ALA A 159 11.71 -57.95 -1.34
C ALA A 159 10.34 -57.87 -2.04
N GLU A 160 9.33 -58.49 -1.45
CA GLU A 160 7.96 -58.44 -1.98
C GLU A 160 7.32 -57.07 -1.68
N PHE A 161 6.28 -56.71 -2.45
CA PHE A 161 5.57 -55.43 -2.29
C PHE A 161 4.98 -55.26 -0.90
N ASN A 162 4.46 -56.36 -0.35
CA ASN A 162 3.83 -56.32 0.95
C ASN A 162 4.80 -55.83 2.03
N GLU A 163 5.99 -56.43 2.07
CA GLU A 163 6.99 -56.06 3.11
C GLU A 163 7.47 -54.61 2.99
N ILE A 164 7.70 -54.18 1.76
CA ILE A 164 8.16 -52.82 1.50
C ILE A 164 7.04 -51.89 1.97
N ARG A 165 5.83 -52.15 1.49
CA ARG A 165 4.66 -51.35 1.86
C ARG A 165 4.47 -51.29 3.39
N ARG A 166 4.46 -52.46 4.02
CA ARG A 166 4.16 -52.56 5.46
C ARG A 166 5.18 -51.85 6.33
N VAL A 167 6.45 -52.02 5.97
CA VAL A 167 7.56 -51.34 6.65
C VAL A 167 7.72 -49.84 6.32
N LEU A 168 7.55 -49.44 5.07
CA LEU A 168 8.04 -48.13 4.60
C LEU A 168 7.06 -47.15 3.96
N LEU A 169 6.22 -47.67 3.09
CA LEU A 169 5.31 -46.90 2.26
C LEU A 169 3.99 -46.42 2.90
N GLU A 170 3.37 -47.24 3.72
CA GLU A 170 2.03 -46.94 4.29
C GLU A 170 1.93 -45.53 4.90
N GLU A 171 0.75 -44.90 4.83
CA GLU A 171 0.52 -43.55 5.42
C GLU A 171 0.42 -43.68 6.92
N ASN A 192 -0.05 -44.68 12.09
CA ASN A 192 1.02 -43.86 11.55
C ASN A 192 0.79 -42.36 11.86
N ASN A 193 1.64 -41.49 11.31
CA ASN A 193 1.87 -40.14 11.84
C ASN A 193 0.76 -39.16 11.45
N GLU A 194 0.67 -38.10 12.25
CA GLU A 194 -0.28 -36.99 12.09
C GLU A 194 0.40 -35.88 11.25
N GLY A 195 1.13 -36.29 10.23
CA GLY A 195 1.82 -35.37 9.34
C GLY A 195 3.31 -35.21 9.57
N VAL A 196 3.82 -34.06 9.15
CA VAL A 196 5.26 -33.87 8.91
C VAL A 196 6.06 -33.46 10.15
N ILE A 197 5.37 -32.99 11.19
CA ILE A 197 5.98 -32.71 12.49
C ILE A 197 5.32 -33.53 13.58
N VAL A 198 6.08 -34.44 14.18
CA VAL A 198 5.54 -35.35 15.19
C VAL A 198 6.19 -35.15 16.56
N LYS A 199 5.56 -35.72 17.57
CA LYS A 199 6.02 -35.61 18.96
C LYS A 199 7.05 -36.70 19.22
N VAL A 200 7.99 -36.41 20.10
CA VAL A 200 9.08 -37.33 20.38
C VAL A 200 9.21 -37.60 21.86
N SER A 201 9.72 -38.81 22.16
CA SER A 201 9.98 -39.21 23.54
C SER A 201 11.12 -38.37 24.09
N LYS A 202 11.27 -38.46 25.40
CA LYS A 202 12.35 -37.80 26.10
C LYS A 202 13.63 -38.61 25.94
N GLU A 203 13.48 -39.92 26.06
CA GLU A 203 14.57 -40.87 25.90
C GLU A 203 15.08 -40.89 24.45
N HIS A 204 14.15 -40.99 23.50
CA HIS A 204 14.48 -40.92 22.06
C HIS A 204 15.37 -39.69 21.80
N VAL A 205 14.98 -38.55 22.36
CA VAL A 205 15.73 -37.28 22.25
C VAL A 205 17.20 -37.40 22.72
N GLU A 206 17.42 -38.11 23.82
CA GLU A 206 18.76 -38.25 24.40
C GLU A 206 19.76 -38.97 23.45
N GLU A 207 19.24 -39.73 22.50
CA GLU A 207 20.08 -40.42 21.52
C GLU A 207 20.30 -39.60 20.25
N LEU A 208 19.25 -38.91 19.79
CA LEU A 208 19.34 -37.97 18.68
C LEU A 208 20.33 -36.86 19.03
N THR A 209 20.23 -36.36 20.27
CA THR A 209 21.22 -35.40 20.82
C THR A 209 22.57 -36.06 21.12
N LYS A 210 22.51 -37.30 21.59
CA LYS A 210 23.69 -38.10 21.89
C LYS A 210 24.70 -37.93 20.78
N HIS A 211 24.25 -38.21 19.57
CA HIS A 211 25.04 -37.99 18.36
C HIS A 211 24.65 -36.62 17.82
N ALA A 212 25.10 -35.59 18.53
CA ALA A 212 25.20 -34.23 18.04
C ALA A 212 26.52 -33.72 18.58
N GLY A 224 32.71 -34.83 2.53
CA GLY A 224 31.34 -34.43 2.22
C GLY A 224 31.16 -32.96 1.84
N ASP A 225 29.98 -32.65 1.33
CA ASP A 225 29.59 -31.25 1.13
C ASP A 225 28.90 -30.67 2.39
N ILE A 226 28.92 -31.45 3.47
CA ILE A 226 28.30 -31.06 4.73
C ILE A 226 29.15 -30.06 5.50
N THR A 227 28.80 -28.78 5.36
CA THR A 227 29.49 -27.68 5.98
C THR A 227 29.16 -27.58 7.45
N ASN A 228 30.10 -27.08 8.25
CA ASN A 228 29.89 -26.88 9.69
C ASN A 228 28.98 -25.69 9.92
N PRO A 229 28.35 -25.59 11.10
CA PRO A 229 27.43 -24.48 11.34
C PRO A 229 28.15 -23.21 11.76
N ILE A 230 27.81 -22.09 11.12
CA ILE A 230 28.42 -20.80 11.42
C ILE A 230 27.67 -20.12 12.57
N ASN A 231 28.40 -19.35 13.38
CA ASN A 231 27.78 -18.43 14.35
C ASN A 231 27.79 -17.00 13.78
N LEU A 232 26.60 -16.43 13.62
CA LEU A 232 26.47 -15.10 13.01
C LEU A 232 26.90 -13.97 13.94
N ARG A 233 27.04 -14.26 15.24
CA ARG A 233 27.51 -13.28 16.24
C ARG A 233 28.97 -13.52 16.69
N GLU A 234 29.68 -14.36 15.97
CA GLU A 234 30.95 -14.92 16.47
C GLU A 234 32.03 -13.89 16.87
N GLY A 235 32.50 -13.07 15.92
CA GLY A 235 33.59 -12.10 16.20
C GLY A 235 33.20 -10.85 17.00
N GLU A 236 33.74 -9.71 16.58
CA GLU A 236 33.43 -8.37 17.17
C GLU A 236 32.51 -7.59 16.22
N PRO A 237 31.34 -7.14 16.70
CA PRO A 237 30.34 -6.62 15.76
C PRO A 237 30.79 -5.37 14.97
N ASP A 238 30.36 -5.30 13.72
CA ASP A 238 30.73 -4.24 12.78
C ASP A 238 30.33 -2.87 13.33
N LEU A 239 29.02 -2.72 13.55
CA LEU A 239 28.45 -1.50 14.14
C LEU A 239 28.03 -1.78 15.61
N SER A 240 28.35 -0.86 16.50
CA SER A 240 28.12 -1.07 17.93
C SER A 240 28.25 0.22 18.72
N ASN A 241 27.30 0.46 19.62
CA ASN A 241 27.40 1.53 20.62
C ASN A 241 26.41 1.30 21.76
N ASN A 242 25.84 2.37 22.31
CA ASN A 242 24.86 2.27 23.40
C ASN A 242 23.44 1.93 22.98
N PHE A 243 23.15 2.13 21.70
CA PHE A 243 21.77 2.04 21.24
C PHE A 243 21.53 0.94 20.24
N GLY A 244 22.58 0.30 19.76
CA GLY A 244 22.43 -0.75 18.77
C GLY A 244 23.65 -1.60 18.51
N LYS A 245 23.39 -2.73 17.85
CA LYS A 245 24.42 -3.68 17.42
C LYS A 245 24.05 -4.26 16.05
N LEU A 246 25.06 -4.44 15.18
CA LEU A 246 24.89 -5.11 13.85
C LEU A 246 26.04 -6.07 13.55
N PHE A 247 25.76 -7.35 13.77
CA PHE A 247 26.64 -8.44 13.34
C PHE A 247 26.40 -8.77 11.88
N GLU A 248 27.45 -9.18 11.18
CA GLU A 248 27.35 -9.51 9.76
C GLU A 248 28.46 -10.44 9.23
N VAL A 249 28.06 -11.58 8.69
CA VAL A 249 28.98 -12.51 8.03
C VAL A 249 28.89 -12.31 6.52
N LYS A 250 30.05 -12.36 5.86
CA LYS A 250 30.20 -11.85 4.48
C LYS A 250 30.71 -12.92 3.52
N PRO A 251 30.58 -12.68 2.19
CA PRO A 251 31.11 -13.59 1.18
C PRO A 251 32.61 -13.38 1.07
N ASP A 252 33.37 -14.23 1.73
CA ASP A 252 34.76 -13.93 2.02
C ASP A 252 35.69 -15.09 1.74
N LYS A 253 36.98 -14.77 1.64
CA LYS A 253 38.05 -15.78 1.66
C LYS A 253 37.94 -16.60 2.94
N LYS A 254 37.37 -15.97 3.97
CA LYS A 254 37.07 -16.58 5.27
C LYS A 254 36.02 -17.68 5.22
N ASN A 255 34.77 -17.27 4.92
CA ASN A 255 33.67 -18.20 4.69
C ASN A 255 33.61 -18.58 3.22
N PRO A 256 33.98 -19.83 2.88
CA PRO A 256 34.02 -20.20 1.47
C PRO A 256 32.62 -20.35 0.87
N GLN A 257 31.71 -20.95 1.63
CA GLN A 257 30.32 -21.14 1.20
C GLN A 257 29.65 -19.84 0.79
N LEU A 258 29.73 -18.83 1.66
CA LEU A 258 29.06 -17.54 1.45
C LEU A 258 29.55 -16.89 0.17
N GLN A 259 30.87 -16.88 0.00
CA GLN A 259 31.53 -16.44 -1.25
C GLN A 259 30.94 -17.10 -2.50
N ASP A 260 30.54 -18.35 -2.37
CA ASP A 260 29.98 -19.14 -3.45
C ASP A 260 28.57 -18.67 -3.83
N LEU A 261 27.83 -18.15 -2.85
CA LEU A 261 26.43 -17.74 -3.07
C LEU A 261 26.30 -16.26 -3.36
N ASP A 262 27.40 -15.54 -3.23
CA ASP A 262 27.40 -14.06 -3.25
C ASP A 262 26.42 -13.46 -2.22
N MET A 263 26.35 -14.09 -1.05
CA MET A 263 25.29 -13.81 -0.08
C MET A 263 25.84 -13.59 1.31
N MET A 264 25.47 -12.46 1.90
CA MET A 264 25.85 -12.10 3.27
C MET A 264 24.69 -12.38 4.22
N LEU A 265 25.03 -12.70 5.46
CA LEU A 265 24.04 -12.87 6.52
C LEU A 265 24.30 -11.80 7.55
N THR A 266 23.24 -11.26 8.14
CA THR A 266 23.35 -10.15 9.07
C THR A 266 22.42 -10.33 10.25
N CYS A 267 22.75 -9.71 11.38
CA CYS A 267 21.84 -9.62 12.51
C CYS A 267 21.92 -8.23 13.10
N VAL A 268 20.76 -7.57 13.24
CA VAL A 268 20.69 -6.27 13.90
C VAL A 268 19.84 -6.34 15.16
N GLU A 269 20.28 -5.60 16.18
CA GLU A 269 19.61 -5.55 17.49
C GLU A 269 19.40 -4.09 17.83
N ILE A 270 18.15 -3.66 17.92
CA ILE A 270 17.87 -2.26 18.23
C ILE A 270 17.17 -2.11 19.59
N LYS A 271 17.83 -1.36 20.48
CA LYS A 271 17.31 -1.09 21.83
C LYS A 271 15.95 -0.43 21.79
N GLU A 272 15.19 -0.62 22.85
CA GLU A 272 13.91 0.07 23.01
C GLU A 272 14.18 1.58 23.06
N GLY A 273 13.39 2.34 22.31
CA GLY A 273 13.56 3.79 22.21
C GLY A 273 14.65 4.27 21.25
N ALA A 274 15.40 3.34 20.67
CA ALA A 274 16.55 3.68 19.83
C ALA A 274 16.17 3.91 18.36
N LEU A 275 17.07 4.55 17.62
CA LEU A 275 16.91 4.77 16.16
C LEU A 275 18.12 4.29 15.35
N MET A 276 17.90 3.31 14.49
CA MET A 276 18.87 3.01 13.44
C MET A 276 18.69 4.09 12.39
N LEU A 277 19.71 4.93 12.23
CA LEU A 277 19.59 6.16 11.43
C LEU A 277 19.30 5.88 9.96
N PRO A 278 18.83 6.89 9.21
CA PRO A 278 18.71 6.76 7.76
C PRO A 278 20.00 6.19 7.17
N HIS A 279 19.86 5.09 6.45
CA HIS A 279 21.00 4.40 5.86
C HIS A 279 20.58 3.61 4.62
N PHE A 280 21.55 2.97 4.00
CA PHE A 280 21.27 2.03 2.94
C PHE A 280 22.43 1.13 2.63
N ASN A 281 22.19 0.19 1.74
CA ASN A 281 23.24 -0.69 1.28
C ASN A 281 23.68 -0.22 -0.10
N SER A 282 24.98 -0.11 -0.30
CA SER A 282 25.49 0.33 -1.58
C SER A 282 24.90 -0.58 -2.66
N LYS A 283 25.13 -1.89 -2.55
CA LYS A 283 24.72 -2.83 -3.61
C LYS A 283 23.90 -4.08 -3.23
N ALA A 284 23.86 -4.46 -1.98
CA ALA A 284 23.17 -5.72 -1.64
C ALA A 284 21.65 -5.50 -1.54
N MET A 285 20.86 -6.54 -1.83
CA MET A 285 19.41 -6.44 -1.80
C MET A 285 18.99 -7.25 -0.60
N VAL A 286 18.51 -6.64 0.46
CA VAL A 286 18.25 -7.42 1.67
C VAL A 286 16.81 -7.86 1.84
N ILE A 287 16.67 -9.16 2.11
CA ILE A 287 15.44 -9.75 2.60
C ILE A 287 15.52 -9.81 4.11
N VAL A 288 14.91 -8.83 4.78
CA VAL A 288 14.97 -8.76 6.25
C VAL A 288 13.75 -9.43 6.82
N VAL A 289 13.91 -10.10 7.96
CA VAL A 289 12.81 -10.79 8.66
C VAL A 289 12.97 -10.54 10.15
N VAL A 290 11.88 -10.17 10.81
CA VAL A 290 11.94 -9.78 12.24
C VAL A 290 11.80 -10.98 13.19
N ASN A 291 12.90 -11.28 13.87
CA ASN A 291 12.96 -12.30 14.93
C ASN A 291 11.93 -12.04 16.02
N LYS A 292 12.14 -10.94 16.74
CA LYS A 292 11.31 -10.56 17.88
C LYS A 292 11.24 -9.03 18.04
N GLY A 293 10.33 -8.59 18.91
CA GLY A 293 10.14 -7.17 19.20
C GLY A 293 9.19 -6.51 18.22
N THR A 294 9.15 -5.17 18.28
CA THR A 294 8.39 -4.32 17.34
C THR A 294 9.02 -2.93 17.15
N GLY A 295 8.72 -2.29 16.01
CA GLY A 295 9.35 -1.01 15.66
C GLY A 295 8.80 -0.31 14.41
N ASN A 296 9.52 0.73 13.99
CA ASN A 296 8.99 1.75 13.07
C ASN A 296 9.74 1.88 11.73
N LEU A 297 9.21 1.30 10.65
CA LEU A 297 9.91 1.28 9.35
C LEU A 297 9.67 2.54 8.48
N GLU A 298 10.77 3.16 8.08
CA GLU A 298 10.76 4.18 7.04
C GLU A 298 11.56 3.65 5.86
N LEU A 299 10.90 3.53 4.71
CA LEU A 299 11.57 3.20 3.45
C LEU A 299 11.25 4.27 2.40
N VAL A 300 12.29 4.72 1.69
CA VAL A 300 12.20 5.83 0.74
C VAL A 300 12.62 5.38 -0.67
N ALA A 301 11.68 5.42 -1.59
CA ALA A 301 11.90 5.00 -2.96
C ALA A 301 12.01 6.19 -3.90
N VAL A 302 12.23 5.89 -5.17
CA VAL A 302 12.22 6.89 -6.25
C VAL A 302 11.35 6.36 -7.38
N ARG A 303 10.33 7.12 -7.73
CA ARG A 303 9.19 6.62 -8.49
C ARG A 303 8.97 7.36 -9.82
N LYS A 304 9.19 6.70 -10.95
CA LYS A 304 8.63 7.18 -12.19
C LYS A 304 7.12 6.93 -12.04
N GLU A 305 6.29 7.80 -12.59
CA GLU A 305 4.85 7.60 -12.48
C GLU A 305 4.43 6.24 -13.08
N GLN A 306 3.52 5.55 -12.39
CA GLN A 306 2.97 4.25 -12.82
C GLN A 306 3.99 3.13 -12.65
N GLY A 324 10.43 14.39 -20.28
CA GLY A 324 11.06 14.89 -19.05
C GLY A 324 10.21 14.57 -17.83
N SER A 325 10.11 13.28 -17.56
CA SER A 325 9.10 12.69 -16.66
C SER A 325 9.45 12.97 -15.19
N ASN A 326 8.45 13.44 -14.43
CA ASN A 326 8.64 13.76 -13.01
C ASN A 326 9.09 12.56 -12.16
N ARG A 327 10.22 12.75 -11.46
CA ARG A 327 10.82 11.72 -10.60
C ARG A 327 10.51 12.01 -9.12
N GLU A 328 9.76 11.10 -8.49
CA GLU A 328 9.09 11.33 -7.20
C GLU A 328 9.73 10.61 -6.03
N VAL A 329 10.06 11.36 -4.98
CA VAL A 329 10.51 10.75 -3.72
C VAL A 329 9.29 10.37 -2.92
N ARG A 330 8.84 9.13 -3.10
CA ARG A 330 7.72 8.58 -2.34
C ARG A 330 8.20 7.82 -1.11
N ARG A 331 7.73 8.24 0.08
CA ARG A 331 7.99 7.49 1.31
C ARG A 331 7.07 6.27 1.38
N TYR A 332 7.53 5.24 2.07
CA TYR A 332 6.76 4.05 2.39
C TYR A 332 7.04 3.72 3.86
N THR A 333 6.02 3.51 4.68
CA THR A 333 6.23 3.12 6.09
C THR A 333 5.48 1.84 6.42
N ALA A 334 5.75 1.29 7.59
CA ALA A 334 5.13 0.03 7.98
C ALA A 334 5.35 -0.29 9.45
N ARG A 335 4.39 -0.99 10.05
CA ARG A 335 4.47 -1.44 11.46
C ARG A 335 5.04 -2.85 11.56
N LEU A 336 6.14 -2.96 12.31
CA LEU A 336 6.90 -4.21 12.37
C LEU A 336 6.60 -5.03 13.64
N LYS A 337 6.33 -6.33 13.44
CA LYS A 337 5.91 -7.25 14.51
C LYS A 337 6.62 -8.58 14.33
N GLU A 338 6.73 -9.36 15.41
CA GLU A 338 7.48 -10.62 15.37
C GLU A 338 7.03 -11.40 14.14
N GLY A 339 7.99 -11.77 13.31
CA GLY A 339 7.75 -12.57 12.10
C GLY A 339 7.59 -11.82 10.79
N ASP A 340 7.52 -10.50 10.84
CA ASP A 340 7.28 -9.73 9.64
C ASP A 340 8.49 -9.78 8.75
N VAL A 341 8.31 -9.36 7.50
CA VAL A 341 9.38 -9.34 6.51
C VAL A 341 9.31 -8.04 5.72
N PHE A 342 10.44 -7.38 5.53
CA PHE A 342 10.50 -6.22 4.63
C PHE A 342 11.71 -6.26 3.69
N ILE A 343 11.45 -5.95 2.42
CA ILE A 343 12.46 -5.94 1.38
C ILE A 343 13.10 -4.57 1.32
N MET A 344 14.40 -4.58 1.08
CA MET A 344 15.26 -3.44 1.33
C MET A 344 16.17 -3.29 0.15
N PRO A 345 15.62 -2.87 -1.00
CA PRO A 345 16.44 -2.81 -2.21
C PRO A 345 17.70 -1.93 -2.12
N ALA A 346 18.60 -2.12 -3.07
CA ALA A 346 19.93 -1.48 -3.11
C ALA A 346 19.84 0.03 -3.34
N ALA A 347 20.76 0.76 -2.72
CA ALA A 347 20.84 2.22 -2.82
C ALA A 347 19.58 3.01 -2.33
N HIS A 348 18.67 2.31 -1.66
CA HIS A 348 17.41 2.90 -1.18
C HIS A 348 17.59 3.20 0.28
N PRO A 349 17.32 4.45 0.69
CA PRO A 349 17.38 4.75 2.13
C PRO A 349 16.30 4.14 3.03
N VAL A 350 16.73 3.64 4.19
CA VAL A 350 15.81 3.28 5.27
C VAL A 350 16.26 3.77 6.65
N ALA A 351 15.27 4.08 7.48
CA ALA A 351 15.44 4.33 8.90
C ALA A 351 14.50 3.39 9.68
N ILE A 352 14.98 2.86 10.80
CA ILE A 352 14.18 1.93 11.61
C ILE A 352 14.33 2.33 13.07
N ASN A 353 13.21 2.53 13.73
CA ASN A 353 13.18 2.83 15.17
C ASN A 353 12.49 1.71 15.93
N ALA A 354 13.12 1.29 17.02
CA ALA A 354 12.60 0.21 17.88
C ALA A 354 11.66 0.72 18.98
N SER A 355 10.42 0.25 18.97
CA SER A 355 9.49 0.49 20.08
C SER A 355 9.93 -0.41 21.23
N SER A 356 10.11 -1.69 20.88
CA SER A 356 10.51 -2.76 21.81
C SER A 356 11.93 -3.22 21.48
N GLU A 357 12.45 -4.17 22.27
CA GLU A 357 13.79 -4.72 22.01
C GLU A 357 13.70 -5.53 20.71
N LEU A 358 14.31 -4.98 19.65
CA LEU A 358 14.00 -5.37 18.27
C LEU A 358 15.11 -6.15 17.60
N HIS A 359 14.81 -7.40 17.27
CA HIS A 359 15.77 -8.27 16.62
C HIS A 359 15.39 -8.55 15.19
N LEU A 360 16.33 -8.26 14.31
CA LEU A 360 16.17 -8.39 12.89
C LEU A 360 17.16 -9.35 12.27
N LEU A 361 16.69 -10.10 11.29
CA LEU A 361 17.56 -10.98 10.53
C LEU A 361 17.59 -10.48 9.10
N GLY A 362 18.74 -10.61 8.45
CA GLY A 362 18.92 -10.02 7.12
C GLY A 362 19.66 -10.94 6.19
N PHE A 363 18.97 -11.43 5.18
CA PHE A 363 19.61 -12.21 4.12
C PHE A 363 19.93 -11.28 2.96
N GLY A 364 21.21 -11.12 2.66
CA GLY A 364 21.66 -10.25 1.57
C GLY A 364 21.97 -10.97 0.27
N ILE A 365 21.55 -10.37 -0.85
CA ILE A 365 21.81 -10.86 -2.20
C ILE A 365 22.74 -9.86 -2.89
N ASN A 366 23.54 -10.32 -3.84
CA ASN A 366 24.55 -9.45 -4.46
C ASN A 366 25.42 -8.78 -3.38
N ALA A 367 25.87 -9.59 -2.42
CA ALA A 367 26.58 -9.08 -1.23
C ALA A 367 28.06 -8.68 -1.41
N GLU A 368 28.80 -9.35 -2.30
CA GLU A 368 30.24 -9.06 -2.49
C GLU A 368 30.53 -7.57 -2.55
N ASN A 369 31.49 -7.14 -1.73
CA ASN A 369 31.89 -5.72 -1.63
C ASN A 369 30.72 -4.75 -1.42
N ASN A 370 29.71 -5.18 -0.68
CA ASN A 370 28.62 -4.30 -0.28
C ASN A 370 29.16 -3.20 0.62
N HIS A 371 28.54 -2.04 0.61
CA HIS A 371 28.83 -1.01 1.60
C HIS A 371 27.56 -0.42 2.16
N ARG A 372 27.30 -0.67 3.43
CA ARG A 372 26.20 0.01 4.11
C ARG A 372 26.61 1.47 4.32
N ILE A 373 25.95 2.37 3.61
CA ILE A 373 26.27 3.78 3.67
C ILE A 373 25.24 4.50 4.52
N PHE A 374 25.73 5.44 5.34
CA PHE A 374 24.87 6.18 6.27
C PHE A 374 24.79 7.64 5.90
N LEU A 375 23.61 8.21 6.12
CA LEU A 375 23.30 9.56 5.70
C LEU A 375 23.30 10.54 6.87
N ALA A 376 23.67 10.05 8.05
CA ALA A 376 23.73 10.87 9.27
C ALA A 376 24.60 10.22 10.35
N GLY A 377 25.39 11.04 11.04
CA GLY A 377 26.33 10.57 12.06
C GLY A 377 27.77 10.89 11.71
N ASP A 378 28.66 10.78 12.70
CA ASP A 378 30.09 10.95 12.46
C ASP A 378 30.59 9.92 11.43
N LYS A 379 30.52 8.63 11.77
CA LYS A 379 31.07 7.56 10.91
C LYS A 379 30.08 6.90 9.95
N ASP A 380 30.62 6.49 8.80
CA ASP A 380 29.84 6.02 7.65
C ASP A 380 28.91 7.12 7.15
N ASN A 381 29.26 8.36 7.45
CA ASN A 381 28.50 9.46 6.92
C ASN A 381 29.02 9.71 5.53
N VAL A 382 28.17 9.44 4.55
CA VAL A 382 28.52 9.67 3.15
C VAL A 382 28.47 11.17 2.79
N ILE A 383 27.52 11.91 3.37
CA ILE A 383 27.37 13.34 3.05
C ILE A 383 28.59 14.14 3.48
N ASP A 384 29.06 13.90 4.70
CA ASP A 384 30.33 14.46 5.19
C ASP A 384 31.46 14.39 4.14
N GLN A 385 31.54 13.25 3.43
CA GLN A 385 32.62 13.00 2.44
C GLN A 385 32.55 13.86 1.17
N ILE A 386 31.36 14.30 0.79
CA ILE A 386 31.21 15.24 -0.32
C ILE A 386 32.18 16.44 -0.16
N GLU A 387 32.82 16.85 -1.25
CA GLU A 387 33.68 18.07 -1.25
C GLU A 387 32.91 19.28 -0.73
N LYS A 388 33.60 20.18 -0.03
CA LYS A 388 32.96 21.36 0.59
C LYS A 388 32.26 22.31 -0.42
N GLN A 389 32.89 22.57 -1.57
CA GLN A 389 32.25 23.35 -2.63
C GLN A 389 31.13 22.55 -3.27
N ALA A 390 31.21 21.23 -3.18
CA ALA A 390 30.17 20.37 -3.74
C ALA A 390 28.85 20.57 -2.97
N LYS A 391 28.92 20.64 -1.64
CA LYS A 391 27.72 20.83 -0.80
C LYS A 391 27.11 22.24 -0.95
N ASP A 392 27.99 23.24 -0.99
CA ASP A 392 27.63 24.66 -1.12
C ASP A 392 26.70 24.94 -2.31
N LEU A 393 27.03 24.34 -3.46
CA LEU A 393 26.26 24.54 -4.69
C LEU A 393 24.98 23.71 -4.73
N ALA A 394 25.11 22.43 -4.37
CA ALA A 394 23.98 21.52 -4.32
C ALA A 394 22.92 22.00 -3.32
N PHE A 395 23.31 22.09 -2.05
CA PHE A 395 22.35 22.41 -0.98
C PHE A 395 21.95 23.90 -0.91
N PRO A 396 20.74 24.19 -0.39
CA PRO A 396 20.28 25.58 -0.25
C PRO A 396 21.24 26.47 0.53
N GLY A 397 21.72 25.95 1.66
CA GLY A 397 22.68 26.68 2.48
C GLY A 397 24.07 26.83 1.89
N SER A 398 24.87 27.63 2.58
CA SER A 398 26.30 27.72 2.29
C SER A 398 26.93 26.41 2.63
N GLY A 399 28.22 26.30 2.31
CA GLY A 399 28.97 25.08 2.56
C GLY A 399 29.30 24.88 4.02
N GLU A 400 29.86 25.93 4.64
CA GLU A 400 30.31 25.88 6.04
C GLU A 400 29.16 25.64 7.02
N GLN A 401 28.00 26.19 6.68
CA GLN A 401 26.72 26.05 7.43
C GLN A 401 26.14 24.64 7.35
N VAL A 402 26.00 24.16 6.12
CA VAL A 402 25.65 22.76 5.82
C VAL A 402 26.63 21.74 6.40
N GLU A 403 27.91 22.11 6.39
CA GLU A 403 28.94 21.27 6.99
C GLU A 403 28.90 21.33 8.53
N LYS A 404 28.37 22.42 9.07
CA LYS A 404 28.24 22.59 10.53
C LYS A 404 27.14 21.72 11.11
N LEU A 405 26.04 21.60 10.37
CA LEU A 405 24.90 20.74 10.77
C LEU A 405 25.26 19.23 10.77
N ILE A 406 26.31 18.88 10.06
CA ILE A 406 26.82 17.51 10.01
C ILE A 406 27.70 17.19 11.23
N LYS A 407 28.43 18.18 11.71
CA LYS A 407 29.29 18.02 12.90
C LYS A 407 28.43 18.15 14.16
N ASN A 408 27.20 18.58 13.97
CA ASN A 408 26.19 18.69 15.02
C ASN A 408 25.89 17.32 15.63
N GLN A 409 25.43 16.38 14.80
CA GLN A 409 25.20 15.01 15.27
C GLN A 409 26.55 14.29 15.38
N LYS A 410 26.97 14.03 16.62
CA LYS A 410 28.34 13.61 16.92
C LYS A 410 28.51 12.09 17.13
N GLU A 411 27.40 11.39 17.31
CA GLU A 411 27.41 9.90 17.40
C GLU A 411 27.44 9.33 15.97
N SER A 412 27.35 8.00 15.83
CA SER A 412 27.49 7.37 14.51
C SER A 412 26.24 6.71 13.92
N HIS A 413 25.92 5.50 14.36
CA HIS A 413 24.97 4.65 13.61
C HIS A 413 23.59 4.53 14.25
N PHE A 414 23.58 4.45 15.57
CA PHE A 414 22.35 4.37 16.34
C PHE A 414 22.36 5.52 17.32
N VAL A 415 21.22 6.20 17.42
CA VAL A 415 21.05 7.26 18.41
C VAL A 415 19.74 7.02 19.16
N SER A 416 19.41 7.92 20.07
CA SER A 416 18.11 7.89 20.73
C SER A 416 17.10 8.42 19.74
N ALA A 417 16.08 7.61 19.46
CA ALA A 417 14.99 7.97 18.53
C ALA A 417 14.46 9.34 18.85
N ARG A 418 13.98 9.49 20.09
CA ARG A 418 13.59 10.81 20.60
C ARG A 418 14.05 10.96 22.05
N ARG B 3 6.76 19.55 -4.37
CA ARG B 3 6.18 19.99 -5.66
C ARG B 3 6.04 21.51 -5.71
N ASN B 4 6.30 22.06 -6.90
CA ASN B 4 6.02 23.47 -7.17
C ASN B 4 4.57 23.85 -6.88
N ASN B 5 3.64 22.93 -7.16
CA ASN B 5 2.20 23.22 -7.10
C ASN B 5 1.47 22.63 -5.87
N PRO B 6 1.06 23.50 -4.93
CA PRO B 6 0.23 23.10 -3.80
C PRO B 6 -1.23 22.94 -4.17
N PHE B 7 -1.62 23.53 -5.30
CA PHE B 7 -2.99 23.42 -5.83
C PHE B 7 -3.26 22.11 -6.59
N TYR B 8 -2.20 21.41 -7.00
CA TYR B 8 -2.31 20.17 -7.79
C TYR B 8 -2.06 18.93 -6.94
N PHE B 9 -3.05 18.03 -6.89
CA PHE B 9 -2.94 16.76 -6.16
C PHE B 9 -3.16 15.58 -7.10
N PRO B 10 -2.12 14.80 -7.36
CA PRO B 10 -2.27 13.56 -8.11
C PRO B 10 -2.29 12.32 -7.21
N SER B 11 -2.27 11.14 -7.84
CA SER B 11 -2.36 9.83 -7.17
C SER B 11 -1.46 9.62 -5.95
N ARG B 12 -0.20 10.01 -6.03
CA ARG B 12 0.75 9.92 -4.89
C ARG B 12 0.29 10.67 -3.62
N ARG B 13 -0.58 11.65 -3.81
CA ARG B 13 -1.25 12.33 -2.69
C ARG B 13 -2.42 11.50 -2.18
N PHE B 14 -2.99 10.70 -3.09
CA PHE B 14 -4.05 9.74 -2.74
C PHE B 14 -3.45 8.52 -2.06
N SER B 15 -3.81 8.32 -0.81
CA SER B 15 -3.49 7.09 -0.06
C SER B 15 -4.58 6.06 -0.34
N THR B 16 -4.38 4.82 0.12
CA THR B 16 -5.36 3.73 -0.10
C THR B 16 -5.86 3.10 1.20
N ARG B 17 -7.13 3.36 1.52
CA ARG B 17 -7.77 2.90 2.76
C ARG B 17 -8.10 1.40 2.68
N TYR B 18 -8.40 0.94 1.47
CA TYR B 18 -8.89 -0.43 1.23
C TYR B 18 -8.58 -0.86 -0.21
N GLY B 19 -7.99 -2.04 -0.38
CA GLY B 19 -7.66 -2.51 -1.74
C GLY B 19 -7.61 -4.02 -1.96
N ASN B 20 -8.54 -4.53 -2.78
CA ASN B 20 -8.52 -5.95 -3.17
C ASN B 20 -8.65 -6.12 -4.69
N GLN B 21 -8.68 -7.36 -5.15
CA GLN B 21 -8.82 -7.67 -6.59
C GLN B 21 -10.20 -7.30 -7.18
N ASN B 22 -11.16 -7.00 -6.31
CA ASN B 22 -12.53 -6.65 -6.71
C ASN B 22 -12.76 -5.15 -6.74
N GLY B 23 -11.72 -4.37 -6.43
CA GLY B 23 -11.81 -2.89 -6.39
C GLY B 23 -10.93 -2.25 -5.34
N ARG B 24 -11.09 -0.93 -5.17
CA ARG B 24 -10.27 -0.14 -4.21
C ARG B 24 -10.87 1.22 -3.90
N ILE B 25 -10.50 1.77 -2.74
CA ILE B 25 -11.05 3.04 -2.25
C ILE B 25 -9.94 3.98 -1.79
N ARG B 26 -9.79 5.08 -2.52
CA ARG B 26 -8.72 6.05 -2.27
C ARG B 26 -9.27 7.27 -1.54
N VAL B 27 -8.53 7.75 -0.55
CA VAL B 27 -8.96 8.89 0.27
C VAL B 27 -7.89 9.97 0.26
N LEU B 28 -8.21 11.14 -0.29
CA LEU B 28 -7.22 12.22 -0.48
C LEU B 28 -6.92 12.94 0.83
N GLN B 29 -5.63 13.19 1.05
CA GLN B 29 -5.15 13.79 2.29
C GLN B 29 -5.74 15.17 2.56
N ARG B 30 -5.88 15.49 3.84
CA ARG B 30 -6.43 16.77 4.31
C ARG B 30 -5.70 17.96 3.70
N PHE B 31 -6.43 18.78 2.94
CA PHE B 31 -5.87 19.98 2.29
C PHE B 31 -5.07 20.87 3.24
N ASP B 32 -5.49 20.93 4.50
CA ASP B 32 -4.79 21.73 5.51
C ASP B 32 -3.61 20.91 6.05
N GLN B 33 -2.56 20.90 5.23
CA GLN B 33 -1.30 20.22 5.54
C GLN B 33 -0.28 20.92 4.68
N ARG B 34 -0.39 20.65 3.38
CA ARG B 34 0.44 21.24 2.34
C ARG B 34 0.50 22.77 2.47
N SER B 35 -0.65 23.37 2.73
CA SER B 35 -0.74 24.82 2.83
C SER B 35 -2.02 25.29 3.52
N ARG B 36 -1.91 26.41 4.23
CA ARG B 36 -3.06 27.15 4.74
C ARG B 36 -3.66 28.07 3.66
N GLN B 37 -3.21 27.93 2.41
CA GLN B 37 -3.73 28.72 1.28
C GLN B 37 -5.20 28.45 1.03
N PHE B 38 -5.62 27.25 1.38
CA PHE B 38 -7.04 26.91 1.50
C PHE B 38 -7.27 26.10 2.77
N GLN B 39 -7.13 26.80 3.90
CA GLN B 39 -7.52 26.29 5.21
C GLN B 39 -9.03 26.02 5.24
N ASN B 40 -9.79 26.94 4.64
CA ASN B 40 -11.25 26.91 4.68
C ASN B 40 -11.88 25.76 3.87
N LEU B 41 -11.04 24.91 3.28
CA LEU B 41 -11.51 23.68 2.63
C LEU B 41 -11.37 22.46 3.55
N GLN B 42 -10.69 22.64 4.69
CA GLN B 42 -10.31 21.52 5.58
C GLN B 42 -11.41 20.53 5.97
N ASN B 43 -12.67 20.92 5.90
CA ASN B 43 -13.77 19.96 6.16
C ASN B 43 -14.18 19.12 4.95
N HIS B 44 -13.54 19.35 3.82
CA HIS B 44 -13.88 18.67 2.57
C HIS B 44 -12.78 17.73 2.13
N ARG B 45 -13.07 16.45 2.34
CA ARG B 45 -12.18 15.34 2.03
C ARG B 45 -12.69 14.60 0.81
N ILE B 46 -11.78 14.20 -0.08
CA ILE B 46 -12.14 13.55 -1.34
C ILE B 46 -11.92 12.04 -1.31
N VAL B 47 -12.91 11.29 -1.80
CA VAL B 47 -12.82 9.84 -1.95
C VAL B 47 -12.96 9.41 -3.42
N GLN B 48 -12.16 8.44 -3.86
CA GLN B 48 -12.16 7.88 -5.24
C GLN B 48 -12.31 6.38 -5.16
N ILE B 49 -13.34 5.84 -5.81
CA ILE B 49 -13.72 4.44 -5.70
C ILE B 49 -13.65 3.79 -7.06
N GLU B 50 -13.15 2.56 -7.10
CA GLU B 50 -13.16 1.78 -8.33
C GLU B 50 -13.48 0.32 -8.00
N ALA B 51 -14.52 -0.23 -8.64
CA ALA B 51 -14.94 -1.62 -8.40
C ALA B 51 -15.28 -2.37 -9.70
N LYS B 52 -14.79 -3.59 -9.84
CA LYS B 52 -14.90 -4.35 -11.10
C LYS B 52 -16.37 -4.66 -11.42
N PRO B 53 -16.64 -5.30 -12.57
CA PRO B 53 -18.03 -5.64 -12.85
C PRO B 53 -18.57 -6.71 -11.90
N ASN B 54 -19.87 -6.67 -11.63
CA ASN B 54 -20.50 -7.57 -10.65
C ASN B 54 -19.75 -7.73 -9.33
N THR B 55 -19.56 -6.61 -8.63
CA THR B 55 -19.07 -6.61 -7.26
C THR B 55 -19.86 -5.63 -6.39
N LEU B 56 -19.45 -5.46 -5.14
CA LEU B 56 -20.19 -4.63 -4.20
C LEU B 56 -19.35 -4.10 -3.05
N VAL B 57 -19.42 -2.78 -2.84
CA VAL B 57 -18.91 -2.16 -1.60
C VAL B 57 -19.90 -2.43 -0.45
N LEU B 58 -19.42 -3.02 0.63
CA LEU B 58 -20.31 -3.47 1.70
C LEU B 58 -20.95 -2.34 2.51
N PRO B 59 -21.98 -2.69 3.29
CA PRO B 59 -22.60 -1.78 4.21
C PRO B 59 -21.71 -1.08 5.21
N LYS B 60 -21.98 0.20 5.38
CA LYS B 60 -21.38 1.00 6.43
C LYS B 60 -21.98 2.39 6.39
N HIS B 61 -21.68 3.14 7.44
CA HIS B 61 -21.90 4.58 7.45
C HIS B 61 -20.70 5.30 8.05
N ALA B 62 -20.70 6.62 7.91
CA ALA B 62 -19.62 7.45 8.42
C ALA B 62 -20.23 8.54 9.26
N ASP B 63 -19.39 9.20 10.04
CA ASP B 63 -19.79 10.39 10.80
C ASP B 63 -19.47 11.65 9.96
N ALA B 64 -19.75 11.54 8.67
CA ALA B 64 -19.37 12.56 7.70
C ALA B 64 -20.43 12.67 6.61
N ASP B 65 -20.99 13.86 6.44
CA ASP B 65 -21.93 14.11 5.35
C ASP B 65 -21.29 13.74 4.02
N ASN B 66 -22.08 13.49 2.99
CA ASN B 66 -21.54 12.94 1.74
C ASN B 66 -22.41 13.23 0.53
N ILE B 67 -21.77 13.68 -0.54
CA ILE B 67 -22.38 13.73 -1.85
C ILE B 67 -21.52 12.89 -2.82
N LEU B 68 -22.20 12.12 -3.65
CA LEU B 68 -21.60 11.03 -4.38
C LEU B 68 -21.94 11.22 -5.84
N VAL B 69 -21.00 10.91 -6.72
CA VAL B 69 -21.16 11.17 -8.16
C VAL B 69 -20.50 10.11 -9.04
N ILE B 70 -21.27 9.60 -10.01
CA ILE B 70 -20.81 8.56 -10.94
C ILE B 70 -19.90 9.12 -12.03
N GLN B 71 -18.61 8.76 -11.95
CA GLN B 71 -17.52 9.37 -12.74
C GLN B 71 -17.23 8.53 -14.00
N GLN B 72 -17.21 7.21 -13.87
CA GLN B 72 -17.23 6.30 -15.01
C GLN B 72 -18.11 5.09 -14.72
N GLY B 73 -18.77 4.59 -15.76
CA GLY B 73 -19.47 3.30 -15.69
C GLY B 73 -20.91 3.34 -15.23
N GLN B 74 -21.32 2.23 -14.62
CA GLN B 74 -22.71 2.06 -14.20
C GLN B 74 -22.81 1.46 -12.80
N ALA B 75 -23.89 1.82 -12.11
CA ALA B 75 -23.98 1.58 -10.68
C ALA B 75 -25.40 1.54 -10.21
N THR B 76 -25.60 0.75 -9.17
CA THR B 76 -26.84 0.75 -8.39
C THR B 76 -26.51 0.95 -6.91
N VAL B 77 -26.91 2.11 -6.40
CA VAL B 77 -26.58 2.54 -5.04
C VAL B 77 -27.82 2.49 -4.14
N THR B 78 -27.57 2.21 -2.86
CA THR B 78 -28.61 2.07 -1.83
C THR B 78 -28.29 2.95 -0.63
N VAL B 79 -29.20 3.86 -0.30
CA VAL B 79 -29.14 4.57 0.99
C VAL B 79 -30.08 3.81 1.91
N ALA B 80 -29.81 3.85 3.21
CA ALA B 80 -30.65 3.16 4.19
C ALA B 80 -30.80 3.95 5.49
N ASN B 81 -31.94 3.73 6.15
CA ASN B 81 -32.39 4.55 7.28
C ASN B 81 -32.73 3.62 8.43
N GLY B 82 -33.21 4.19 9.54
CA GLY B 82 -33.71 3.40 10.66
C GLY B 82 -35.07 2.79 10.36
N ASN B 83 -35.81 3.46 9.47
CA ASN B 83 -37.17 3.11 9.14
C ASN B 83 -37.41 3.05 7.64
N ASN B 84 -36.30 3.16 6.90
CA ASN B 84 -36.32 3.25 5.44
C ASN B 84 -35.12 2.83 4.65
N ARG B 85 -35.36 2.18 3.51
CA ARG B 85 -34.40 1.82 2.51
C ARG B 85 -34.82 2.54 1.27
N LYS B 86 -33.92 2.74 0.33
CA LYS B 86 -34.31 3.24 -0.96
C LYS B 86 -33.21 3.25 -1.99
N SER B 87 -32.93 2.13 -2.63
CA SER B 87 -31.94 2.11 -3.69
C SER B 87 -32.34 2.71 -5.05
N PHE B 88 -31.34 3.27 -5.70
CA PHE B 88 -31.49 3.86 -7.04
C PHE B 88 -30.42 3.28 -7.96
N ASN B 89 -30.65 3.37 -9.28
CA ASN B 89 -29.61 3.09 -10.27
C ASN B 89 -29.07 4.43 -10.79
N LEU B 90 -27.75 4.57 -10.79
CA LEU B 90 -27.08 5.79 -11.25
C LEU B 90 -26.11 5.48 -12.38
N ASP B 91 -26.33 6.14 -13.52
CA ASP B 91 -25.36 6.20 -14.60
C ASP B 91 -24.51 7.45 -14.42
N GLU B 92 -23.51 7.65 -15.28
CA GLU B 92 -22.50 8.73 -15.07
C GLU B 92 -23.07 10.15 -14.94
N GLY B 93 -22.34 11.00 -14.23
CA GLY B 93 -22.74 12.40 -14.05
C GLY B 93 -24.04 12.55 -13.25
N HIS B 94 -24.33 11.49 -12.50
CA HIS B 94 -25.45 11.48 -11.56
C HIS B 94 -24.91 11.69 -10.17
N ALA B 95 -25.55 12.61 -9.46
CA ALA B 95 -25.20 12.95 -8.08
C ALA B 95 -26.18 12.29 -7.11
N LEU B 96 -25.64 11.79 -6.01
CA LEU B 96 -26.47 11.28 -4.92
C LEU B 96 -25.90 11.78 -3.62
N ARG B 97 -26.78 11.96 -2.64
CA ARG B 97 -26.41 12.51 -1.35
C ARG B 97 -26.69 11.45 -0.28
N ILE B 98 -25.64 11.00 0.41
CA ILE B 98 -25.78 10.09 1.57
C ILE B 98 -25.58 10.87 2.87
N PRO B 99 -26.67 11.18 3.60
CA PRO B 99 -26.47 11.86 4.87
C PRO B 99 -25.57 11.15 5.86
N SER B 100 -25.40 11.78 7.00
CA SER B 100 -24.53 11.28 8.05
C SER B 100 -25.28 10.26 8.88
N GLY B 101 -24.61 9.16 9.20
CA GLY B 101 -25.18 8.12 10.05
C GLY B 101 -26.08 7.17 9.28
N PHE B 102 -26.17 7.36 7.96
CA PHE B 102 -27.04 6.57 7.12
C PHE B 102 -26.23 5.48 6.46
N ILE B 103 -26.80 4.28 6.42
CA ILE B 103 -26.14 3.13 5.83
C ILE B 103 -26.23 3.17 4.31
N SER B 104 -25.17 2.73 3.65
CA SER B 104 -25.18 2.66 2.20
C SER B 104 -24.12 1.72 1.61
N TYR B 105 -24.44 1.22 0.42
CA TYR B 105 -23.55 0.32 -0.34
C TYR B 105 -23.71 0.54 -1.84
N ILE B 106 -22.65 0.20 -2.57
CA ILE B 106 -22.64 0.32 -4.02
C ILE B 106 -22.27 -0.94 -4.77
N LEU B 107 -23.09 -1.29 -5.74
CA LEU B 107 -22.81 -2.41 -6.63
C LEU B 107 -22.67 -1.94 -8.08
N ASN B 108 -21.76 -2.60 -8.77
CA ASN B 108 -21.55 -2.39 -10.17
C ASN B 108 -22.50 -3.22 -10.97
N ARG B 109 -23.56 -2.56 -11.38
CA ARG B 109 -24.57 -3.14 -12.24
C ARG B 109 -23.96 -3.79 -13.50
N HIS B 110 -22.96 -3.15 -14.08
CA HIS B 110 -22.47 -3.50 -15.43
C HIS B 110 -21.79 -4.86 -15.44
N ASP B 111 -21.93 -5.55 -16.57
CA ASP B 111 -21.44 -6.92 -16.74
C ASP B 111 -19.96 -6.96 -17.17
N ASN B 112 -19.63 -6.13 -18.16
CA ASN B 112 -18.26 -6.09 -18.73
C ASN B 112 -17.46 -4.80 -18.41
N GLN B 113 -18.17 -3.68 -18.17
CA GLN B 113 -17.52 -2.38 -17.90
C GLN B 113 -17.47 -2.05 -16.41
N ASN B 114 -16.62 -1.08 -16.07
CA ASN B 114 -16.27 -0.80 -14.65
C ASN B 114 -17.19 0.20 -13.98
N LEU B 115 -16.86 0.55 -12.74
CA LEU B 115 -17.39 1.74 -12.06
C LEU B 115 -16.29 2.48 -11.31
N ARG B 116 -16.28 3.82 -11.43
CA ARG B 116 -15.24 4.70 -10.83
C ARG B 116 -15.90 5.89 -10.09
N VAL B 117 -16.62 5.59 -9.02
CA VAL B 117 -17.38 6.58 -8.23
C VAL B 117 -16.48 7.60 -7.48
N ALA B 118 -16.86 8.88 -7.56
CA ALA B 118 -16.20 9.92 -6.78
C ALA B 118 -17.15 10.61 -5.76
N LYS B 119 -16.80 10.51 -4.48
CA LYS B 119 -17.54 11.17 -3.40
C LYS B 119 -16.75 12.28 -2.71
N ILE B 120 -17.45 13.34 -2.33
CA ILE B 120 -16.93 14.30 -1.38
C ILE B 120 -17.46 13.85 -0.02
N SER B 121 -16.65 14.01 1.03
CA SER B 121 -17.12 13.77 2.40
C SER B 121 -16.86 14.97 3.31
N MET B 122 -17.76 15.14 4.27
CA MET B 122 -17.82 16.30 5.14
C MET B 122 -17.89 15.83 6.60
N PRO B 123 -16.76 15.84 7.34
CA PRO B 123 -16.77 15.36 8.71
C PRO B 123 -17.59 16.17 9.72
N VAL B 124 -18.40 15.44 10.46
CA VAL B 124 -19.28 16.00 11.47
C VAL B 124 -18.62 16.29 12.82
N ASN B 125 -17.83 15.37 13.30
CA ASN B 125 -17.31 15.49 14.65
C ASN B 125 -15.98 16.20 14.71
N THR B 126 -15.04 15.73 13.91
CA THR B 126 -13.67 16.27 13.92
C THR B 126 -13.44 16.96 12.57
N PRO B 127 -12.94 18.22 12.60
CA PRO B 127 -12.94 19.09 11.42
C PRO B 127 -12.42 18.47 10.14
N GLY B 128 -11.34 17.71 10.22
CA GLY B 128 -10.75 17.06 9.05
C GLY B 128 -10.99 15.57 8.92
N GLN B 129 -11.58 14.94 9.95
CA GLN B 129 -11.61 13.47 10.04
C GLN B 129 -12.99 12.82 10.08
N PHE B 130 -13.12 11.70 9.36
CA PHE B 130 -14.30 10.83 9.38
C PHE B 130 -13.82 9.39 9.39
N GLU B 131 -14.58 8.52 10.04
CA GLU B 131 -14.33 7.08 9.95
C GLU B 131 -15.54 6.34 9.36
N ASP B 132 -15.31 5.10 8.95
CA ASP B 132 -16.39 4.21 8.58
C ASP B 132 -16.79 3.33 9.76
N PHE B 133 -18.08 3.00 9.79
CA PHE B 133 -18.65 2.07 10.74
C PHE B 133 -19.33 0.90 10.03
N PHE B 134 -18.70 -0.26 10.07
CA PHE B 134 -19.26 -1.46 9.41
C PHE B 134 -20.04 -2.30 10.41
N PRO B 135 -21.30 -2.62 10.11
CA PRO B 135 -21.96 -3.56 10.98
C PRO B 135 -21.30 -4.94 10.94
N ALA B 136 -20.75 -5.30 9.77
CA ALA B 136 -20.16 -6.62 9.56
C ALA B 136 -18.64 -6.60 9.68
N SER B 137 -18.09 -7.63 10.31
CA SER B 137 -16.63 -7.83 10.37
C SER B 137 -16.16 -8.52 9.10
N SER B 138 -14.90 -8.27 8.75
CA SER B 138 -14.28 -8.91 7.59
C SER B 138 -12.75 -8.83 7.64
N ARG B 139 -12.11 -9.29 6.57
CA ARG B 139 -10.65 -9.36 6.47
C ARG B 139 -9.93 -8.05 6.82
N ASP B 140 -10.48 -6.95 6.32
CA ASP B 140 -9.80 -5.64 6.31
C ASP B 140 -10.21 -4.71 7.46
N GLN B 141 -11.30 -5.05 8.14
CA GLN B 141 -11.83 -4.23 9.23
C GLN B 141 -12.67 -5.07 10.20
N SER B 142 -13.23 -4.40 11.19
CA SER B 142 -13.92 -5.06 12.30
C SER B 142 -15.34 -4.49 12.47
N SER B 143 -16.25 -5.31 12.99
CA SER B 143 -17.64 -4.90 13.23
C SER B 143 -17.72 -4.05 14.52
N TYR B 144 -18.52 -2.98 14.47
CA TYR B 144 -18.63 -2.05 15.61
C TYR B 144 -19.50 -2.61 16.75
N LEU B 145 -20.09 -3.78 16.53
CA LEU B 145 -20.85 -4.51 17.55
C LEU B 145 -19.95 -5.41 18.40
N GLN B 146 -18.76 -5.72 17.89
CA GLN B 146 -17.77 -6.49 18.67
C GLN B 146 -17.30 -5.71 19.90
N GLY B 147 -17.36 -4.39 19.82
CA GLY B 147 -16.97 -3.52 20.95
C GLY B 147 -18.04 -3.37 22.02
N PHE B 148 -19.12 -4.15 21.91
CA PHE B 148 -20.16 -4.19 22.95
C PHE B 148 -19.89 -5.33 23.96
N SER B 149 -20.80 -5.53 24.90
CA SER B 149 -20.57 -6.53 25.93
C SER B 149 -21.33 -7.84 25.65
N ARG B 150 -20.93 -8.89 26.37
CA ARG B 150 -21.59 -10.17 26.27
C ARG B 150 -23.06 -9.98 26.63
N ASN B 151 -23.28 -9.40 27.80
CA ASN B 151 -24.64 -9.21 28.35
C ASN B 151 -25.56 -8.31 27.50
N THR B 152 -25.01 -7.20 27.03
CA THR B 152 -25.80 -6.21 26.29
C THR B 152 -26.21 -6.81 24.96
N LEU B 153 -25.21 -7.23 24.17
CA LEU B 153 -25.49 -7.90 22.90
C LEU B 153 -26.62 -8.91 23.08
N GLU B 154 -26.43 -9.86 24.00
CA GLU B 154 -27.45 -10.89 24.27
C GLU B 154 -28.82 -10.26 24.59
N ALA B 155 -28.79 -9.30 25.52
CA ALA B 155 -29.98 -8.55 25.94
C ALA B 155 -30.63 -7.82 24.77
N ALA B 156 -29.81 -7.04 24.06
CA ALA B 156 -30.27 -6.27 22.90
C ALA B 156 -30.94 -7.18 21.85
N PHE B 157 -30.21 -8.19 21.41
CA PHE B 157 -30.61 -9.05 20.30
C PHE B 157 -31.53 -10.25 20.64
N ASN B 158 -31.74 -10.50 21.94
CA ASN B 158 -32.57 -11.65 22.42
C ASN B 158 -31.95 -13.00 22.04
N ALA B 159 -30.75 -13.29 22.56
CA ALA B 159 -30.00 -14.50 22.15
C ALA B 159 -28.67 -14.70 22.88
N GLU B 160 -28.13 -15.90 22.77
CA GLU B 160 -26.82 -16.23 23.38
C GLU B 160 -25.69 -15.66 22.53
N PHE B 161 -24.52 -15.45 23.14
CA PHE B 161 -23.35 -14.88 22.46
C PHE B 161 -22.94 -15.71 21.24
N ASN B 162 -23.05 -17.03 21.38
CA ASN B 162 -22.65 -17.95 20.32
C ASN B 162 -23.42 -17.70 19.01
N GLU B 163 -24.75 -17.62 19.12
CA GLU B 163 -25.59 -17.41 17.94
C GLU B 163 -25.37 -16.05 17.29
N ILE B 164 -25.22 -15.02 18.10
CA ILE B 164 -24.99 -13.68 17.58
C ILE B 164 -23.65 -13.69 16.85
N ARG B 165 -22.64 -14.20 17.54
CA ARG B 165 -21.31 -14.31 16.95
C ARG B 165 -21.30 -15.12 15.64
N ARG B 166 -21.91 -16.30 15.69
CA ARG B 166 -21.88 -17.25 14.56
C ARG B 166 -22.59 -16.71 13.33
N VAL B 167 -23.73 -16.08 13.56
CA VAL B 167 -24.50 -15.40 12.50
C VAL B 167 -23.97 -14.01 12.04
N LEU B 168 -23.50 -13.16 12.95
CA LEU B 168 -23.25 -11.74 12.59
C LEU B 168 -21.84 -11.19 12.69
N LEU B 169 -21.22 -11.45 13.84
CA LEU B 169 -19.94 -10.86 14.24
C LEU B 169 -18.67 -11.44 13.61
N GLU B 170 -18.60 -12.76 13.48
CA GLU B 170 -17.37 -13.42 13.04
C GLU B 170 -16.73 -12.73 11.83
N ASN B 193 -15.64 -12.97 4.23
CA ASN B 193 -15.20 -12.13 3.13
C ASN B 193 -13.67 -11.83 3.09
N GLU B 194 -13.25 -11.33 1.93
CA GLU B 194 -11.87 -10.89 1.68
C GLU B 194 -11.87 -9.36 1.73
N GLY B 195 -12.57 -8.80 2.73
CA GLY B 195 -12.63 -7.37 2.95
C GLY B 195 -13.92 -6.70 2.49
N VAL B 196 -13.80 -5.40 2.23
CA VAL B 196 -14.96 -4.51 2.15
C VAL B 196 -15.66 -4.43 0.79
N ILE B 197 -14.98 -4.91 -0.25
CA ILE B 197 -15.58 -5.08 -1.59
C ILE B 197 -15.50 -6.53 -2.01
N VAL B 198 -16.65 -7.17 -2.18
CA VAL B 198 -16.70 -8.58 -2.54
C VAL B 198 -17.38 -8.79 -3.89
N LYS B 199 -17.20 -10.01 -4.41
CA LYS B 199 -17.75 -10.40 -5.72
C LYS B 199 -19.18 -10.89 -5.52
N VAL B 200 -20.01 -10.70 -6.54
CA VAL B 200 -21.43 -11.03 -6.46
C VAL B 200 -21.87 -11.94 -7.58
N SER B 201 -22.92 -12.72 -7.31
CA SER B 201 -23.49 -13.61 -8.31
C SER B 201 -24.18 -12.75 -9.35
N LYS B 202 -24.52 -13.40 -10.45
CA LYS B 202 -25.27 -12.75 -11.52
C LYS B 202 -26.74 -12.67 -11.11
N GLU B 203 -27.22 -13.78 -10.57
CA GLU B 203 -28.59 -13.92 -10.08
C GLU B 203 -28.85 -13.01 -8.87
N HIS B 204 -27.93 -13.01 -7.92
CA HIS B 204 -27.99 -12.10 -6.76
C HIS B 204 -28.19 -10.66 -7.25
N VAL B 205 -27.44 -10.28 -8.27
CA VAL B 205 -27.54 -8.94 -8.89
C VAL B 205 -28.97 -8.62 -9.38
N GLU B 206 -29.61 -9.58 -10.02
CA GLU B 206 -30.94 -9.34 -10.61
C GLU B 206 -32.02 -8.96 -9.59
N GLU B 207 -31.79 -9.29 -8.33
CA GLU B 207 -32.71 -8.96 -7.23
C GLU B 207 -32.36 -7.60 -6.60
N LEU B 208 -31.06 -7.36 -6.40
CA LEU B 208 -30.57 -6.05 -5.93
C LEU B 208 -31.00 -4.97 -6.91
N THR B 209 -30.85 -5.26 -8.20
CA THR B 209 -31.37 -4.39 -9.28
C THR B 209 -32.88 -4.40 -9.33
N LYS B 210 -33.46 -5.60 -9.14
CA LYS B 210 -34.91 -5.80 -9.14
C LYS B 210 -35.59 -4.66 -8.40
N HIS B 211 -35.15 -4.48 -7.15
CA HIS B 211 -35.60 -3.36 -6.30
C HIS B 211 -34.58 -2.23 -6.45
N ALA B 212 -34.59 -1.62 -7.64
CA ALA B 212 -34.02 -0.31 -7.92
C ALA B 212 -35.03 0.30 -8.92
N LYS B 213 -34.77 1.53 -9.38
CA LYS B 213 -35.75 2.27 -10.20
C LYS B 213 -35.07 3.22 -11.19
N SER B 214 -35.18 2.91 -12.48
CA SER B 214 -34.48 3.65 -13.52
C SER B 214 -35.34 4.79 -14.10
N GLY B 224 -38.86 10.25 4.83
CA GLY B 224 -37.42 10.07 5.04
C GLY B 224 -36.57 11.27 4.63
N ASP B 225 -35.31 11.24 5.06
CA ASP B 225 -34.32 12.22 4.59
C ASP B 225 -33.63 11.72 3.31
N ILE B 226 -34.12 10.60 2.77
CA ILE B 226 -33.54 9.99 1.57
C ILE B 226 -33.97 10.77 0.30
N THR B 227 -33.06 11.60 -0.17
CA THR B 227 -33.27 12.46 -1.33
C THR B 227 -33.13 11.65 -2.61
N ASN B 228 -33.85 12.06 -3.65
CA ASN B 228 -33.78 11.41 -4.97
C ASN B 228 -32.46 11.78 -5.67
N PRO B 229 -32.03 10.96 -6.65
CA PRO B 229 -30.74 11.26 -7.27
C PRO B 229 -30.88 12.33 -8.34
N ILE B 230 -30.00 13.32 -8.30
CA ILE B 230 -30.02 14.42 -9.28
C ILE B 230 -29.20 14.05 -10.51
N ASN B 231 -29.61 14.54 -11.69
CA ASN B 231 -28.80 14.45 -12.90
C ASN B 231 -28.09 15.78 -13.16
N LEU B 232 -26.76 15.76 -13.14
CA LEU B 232 -25.97 16.99 -13.26
C LEU B 232 -25.97 17.56 -14.69
N ARG B 233 -26.39 16.76 -15.67
CA ARG B 233 -26.50 17.22 -17.07
C ARG B 233 -27.95 17.49 -17.51
N GLU B 234 -28.87 17.51 -16.56
CA GLU B 234 -30.32 17.45 -16.85
C GLU B 234 -30.86 18.50 -17.84
N GLY B 235 -30.78 19.78 -17.49
CA GLY B 235 -31.34 20.86 -18.34
C GLY B 235 -30.57 21.20 -19.60
N GLU B 236 -30.47 22.51 -19.88
CA GLU B 236 -29.69 23.04 -21.02
C GLU B 236 -28.41 23.67 -20.47
N PRO B 237 -27.22 23.24 -20.95
CA PRO B 237 -25.98 23.65 -20.27
C PRO B 237 -25.73 25.17 -20.29
N ASP B 238 -25.14 25.65 -19.20
CA ASP B 238 -24.86 27.09 -18.98
C ASP B 238 -23.96 27.67 -20.07
N LEU B 239 -22.77 27.12 -20.19
CA LEU B 239 -21.82 27.47 -21.24
C LEU B 239 -21.77 26.35 -22.28
N SER B 240 -21.78 26.74 -23.56
CA SER B 240 -21.84 25.76 -24.66
C SER B 240 -21.49 26.39 -26.00
N ASN B 241 -20.66 25.69 -26.78
CA ASN B 241 -20.42 26.05 -28.17
C ASN B 241 -19.79 24.86 -28.94
N ASN B 242 -18.85 25.13 -29.84
CA ASN B 242 -18.20 24.07 -30.61
C ASN B 242 -17.04 23.39 -29.91
N PHE B 243 -16.53 24.03 -28.88
CA PHE B 243 -15.28 23.57 -28.26
C PHE B 243 -15.42 23.14 -26.83
N GLY B 244 -16.58 23.40 -26.24
CA GLY B 244 -16.77 23.04 -24.85
C GLY B 244 -18.20 23.07 -24.35
N LYS B 245 -18.38 22.43 -23.19
CA LYS B 245 -19.65 22.40 -22.48
C LYS B 245 -19.39 22.52 -20.96
N LEU B 246 -20.28 23.21 -20.24
CA LEU B 246 -20.23 23.29 -18.76
C LEU B 246 -21.62 23.24 -18.15
N PHE B 247 -21.99 22.04 -17.68
CA PHE B 247 -23.18 21.84 -16.86
C PHE B 247 -22.92 22.19 -15.41
N GLU B 248 -23.94 22.74 -14.74
CA GLU B 248 -23.81 23.16 -13.34
C GLU B 248 -25.14 23.23 -12.58
N VAL B 249 -25.21 22.48 -11.48
CA VAL B 249 -26.37 22.51 -10.57
C VAL B 249 -26.00 23.39 -9.37
N LYS B 250 -26.96 24.18 -8.91
CA LYS B 250 -26.70 25.28 -7.99
C LYS B 250 -27.51 25.20 -6.69
N PRO B 251 -27.10 25.97 -5.66
CA PRO B 251 -27.84 26.03 -4.40
C PRO B 251 -29.06 26.92 -4.54
N ASP B 252 -30.20 26.30 -4.79
CA ASP B 252 -31.33 27.00 -5.35
C ASP B 252 -32.65 26.70 -4.63
N LYS B 253 -33.63 27.56 -4.88
CA LYS B 253 -35.02 27.26 -4.53
C LYS B 253 -35.45 25.98 -5.25
N LYS B 254 -34.79 25.69 -6.38
CA LYS B 254 -34.99 24.45 -7.15
C LYS B 254 -34.52 23.19 -6.41
N ASN B 255 -33.21 23.09 -6.20
CA ASN B 255 -32.60 22.01 -5.41
C ASN B 255 -32.54 22.44 -3.96
N PRO B 256 -33.37 21.82 -3.09
CA PRO B 256 -33.38 22.27 -1.70
C PRO B 256 -32.14 21.80 -0.94
N GLN B 257 -31.68 20.59 -1.22
CA GLN B 257 -30.48 20.04 -0.60
C GLN B 257 -29.25 20.92 -0.81
N LEU B 258 -29.00 21.28 -2.07
CA LEU B 258 -27.80 22.02 -2.44
C LEU B 258 -27.77 23.36 -1.71
N GLN B 259 -28.92 24.04 -1.74
CA GLN B 259 -29.14 25.28 -0.95
C GLN B 259 -28.74 25.15 0.52
N ASP B 260 -28.96 23.97 1.08
CA ASP B 260 -28.66 23.66 2.48
C ASP B 260 -27.15 23.54 2.73
N LEU B 261 -26.40 23.12 1.71
CA LEU B 261 -24.94 22.91 1.85
C LEU B 261 -24.10 24.09 1.35
N ASP B 262 -24.78 25.08 0.78
CA ASP B 262 -24.12 26.19 0.07
C ASP B 262 -23.16 25.69 -1.02
N MET B 263 -23.53 24.59 -1.67
CA MET B 263 -22.60 23.83 -2.52
C MET B 263 -23.16 23.54 -3.88
N MET B 264 -22.42 23.96 -4.91
CA MET B 264 -22.80 23.74 -6.29
C MET B 264 -22.03 22.55 -6.84
N LEU B 265 -22.65 21.84 -7.78
CA LEU B 265 -21.98 20.74 -8.49
C LEU B 265 -21.86 21.13 -9.94
N THR B 266 -20.74 20.78 -10.56
CA THR B 266 -20.47 21.20 -11.94
C THR B 266 -19.88 20.06 -12.74
N CYS B 267 -20.06 20.12 -14.06
CA CYS B 267 -19.36 19.22 -14.97
C CYS B 267 -18.89 20.00 -16.20
N VAL B 268 -17.60 19.89 -16.50
CA VAL B 268 -17.02 20.49 -17.70
C VAL B 268 -16.47 19.43 -18.67
N GLU B 269 -16.69 19.68 -19.95
CA GLU B 269 -16.25 18.82 -21.03
C GLU B 269 -15.44 19.68 -21.98
N ILE B 270 -14.17 19.36 -22.15
CA ILE B 270 -13.34 20.11 -23.10
C ILE B 270 -12.84 19.23 -24.25
N LYS B 271 -13.22 19.64 -25.46
CA LYS B 271 -12.82 18.95 -26.69
C LYS B 271 -11.30 18.88 -26.82
N GLU B 272 -10.83 17.88 -27.54
CA GLU B 272 -9.43 17.74 -27.88
C GLU B 272 -8.99 18.94 -28.68
N GLY B 273 -7.85 19.52 -28.31
CA GLY B 273 -7.36 20.74 -28.98
C GLY B 273 -8.02 22.05 -28.54
N ALA B 274 -9.02 21.97 -27.65
CA ALA B 274 -9.79 23.15 -27.23
C ALA B 274 -9.17 23.87 -26.03
N LEU B 275 -9.54 25.14 -25.85
CA LEU B 275 -9.12 25.94 -24.69
C LEU B 275 -10.33 26.48 -23.92
N MET B 276 -10.42 26.12 -22.65
CA MET B 276 -11.27 26.85 -21.72
C MET B 276 -10.49 28.11 -21.35
N LEU B 277 -11.01 29.27 -21.74
CA LEU B 277 -10.23 30.52 -21.63
C LEU B 277 -9.88 30.90 -20.20
N PRO B 278 -8.91 31.81 -20.02
CA PRO B 278 -8.67 32.39 -18.68
C PRO B 278 -9.97 32.86 -18.03
N HIS B 279 -10.26 32.29 -16.87
CA HIS B 279 -11.50 32.60 -16.15
C HIS B 279 -11.30 32.41 -14.66
N PHE B 280 -12.36 32.68 -13.92
CA PHE B 280 -12.37 32.38 -12.50
C PHE B 280 -13.78 32.45 -11.95
N ASN B 281 -13.89 32.08 -10.68
CA ASN B 281 -15.14 32.11 -9.97
C ASN B 281 -15.11 33.31 -9.07
N SER B 282 -16.19 34.07 -9.09
CA SER B 282 -16.27 35.25 -8.26
C SER B 282 -15.99 34.85 -6.80
N LYS B 283 -16.80 33.93 -6.26
CA LYS B 283 -16.72 33.57 -4.82
C LYS B 283 -16.58 32.10 -4.41
N ALA B 284 -16.85 31.15 -5.31
CA ALA B 284 -16.86 29.75 -4.87
C ALA B 284 -15.47 29.13 -4.94
N MET B 285 -15.20 28.17 -4.05
CA MET B 285 -13.87 27.56 -3.98
C MET B 285 -14.01 26.18 -4.55
N VAL B 286 -13.48 25.93 -5.73
CA VAL B 286 -13.77 24.64 -6.36
C VAL B 286 -12.70 23.59 -6.17
N ILE B 287 -13.18 22.43 -5.69
CA ILE B 287 -12.45 21.18 -5.66
C ILE B 287 -12.77 20.44 -6.96
N VAL B 288 -11.87 20.53 -7.93
CA VAL B 288 -12.05 19.87 -9.23
C VAL B 288 -11.35 18.52 -9.22
N VAL B 289 -11.94 17.54 -9.90
CA VAL B 289 -11.36 16.20 -10.03
C VAL B 289 -11.60 15.74 -11.44
N VAL B 290 -10.56 15.21 -12.08
CA VAL B 290 -10.61 14.84 -13.50
C VAL B 290 -11.15 13.42 -13.73
N ASN B 291 -12.36 13.34 -14.28
CA ASN B 291 -13.00 12.09 -14.67
C ASN B 291 -12.15 11.25 -15.62
N LYS B 292 -11.88 11.82 -16.80
CA LYS B 292 -11.16 11.16 -17.87
C LYS B 292 -10.43 12.19 -18.76
N GLY B 293 -9.56 11.67 -19.63
CA GLY B 293 -8.79 12.50 -20.57
C GLY B 293 -7.52 13.05 -19.96
N THR B 294 -6.91 14.00 -20.68
CA THR B 294 -5.74 14.76 -20.20
C THR B 294 -5.69 16.18 -20.78
N GLY B 295 -4.99 17.08 -20.08
CA GLY B 295 -4.91 18.50 -20.46
C GLY B 295 -3.93 19.40 -19.68
N ASN B 296 -4.02 20.70 -19.95
CA ASN B 296 -2.99 21.68 -19.58
C ASN B 296 -3.43 22.78 -18.60
N LEU B 297 -3.06 22.63 -17.33
CA LEU B 297 -3.49 23.58 -16.27
C LEU B 297 -2.61 24.83 -16.12
N GLU B 298 -3.26 25.98 -16.23
CA GLU B 298 -2.66 27.24 -15.82
C GLU B 298 -3.45 27.76 -14.63
N LEU B 299 -2.77 27.95 -13.51
CA LEU B 299 -3.37 28.63 -12.36
C LEU B 299 -2.49 29.83 -11.98
N VAL B 300 -3.12 30.96 -11.70
CA VAL B 300 -2.41 32.22 -11.40
C VAL B 300 -2.82 32.77 -10.03
N ALA B 301 -1.84 32.83 -9.13
CA ALA B 301 -2.03 33.30 -7.77
C ALA B 301 -1.43 34.70 -7.58
N VAL B 302 -1.58 35.20 -6.35
CA VAL B 302 -1.00 36.48 -5.94
C VAL B 302 -0.31 36.26 -4.59
N ARG B 303 0.98 36.54 -4.55
CA ARG B 303 1.87 36.02 -3.49
C ARG B 303 2.51 37.12 -2.63
N SER B 325 5.32 45.77 1.06
CA SER B 325 5.75 44.47 0.54
C SER B 325 5.36 44.15 -0.92
N ASN B 326 6.33 43.71 -1.70
CA ASN B 326 6.13 43.34 -3.13
C ASN B 326 5.12 42.20 -3.33
N ARG B 327 4.11 42.49 -4.15
CA ARG B 327 2.99 41.58 -4.42
C ARG B 327 3.22 40.94 -5.80
N GLU B 328 3.37 39.61 -5.80
CA GLU B 328 3.91 38.85 -6.95
C GLU B 328 2.87 38.01 -7.67
N VAL B 329 2.76 38.20 -8.97
CA VAL B 329 1.93 37.34 -9.81
C VAL B 329 2.76 36.10 -10.17
N ARG B 330 2.61 35.06 -9.35
CA ARG B 330 3.26 33.77 -9.59
C ARG B 330 2.32 32.82 -10.32
N ARG B 331 2.77 32.34 -11.48
CA ARG B 331 2.05 31.29 -12.22
C ARG B 331 2.30 29.94 -11.57
N TYR B 332 1.35 29.04 -11.74
CA TYR B 332 1.45 27.65 -11.30
C TYR B 332 0.83 26.80 -12.39
N THR B 333 1.54 25.79 -12.88
CA THR B 333 0.95 24.91 -13.92
C THR B 333 0.99 23.47 -13.47
N ALA B 334 0.36 22.60 -14.25
CA ALA B 334 0.31 21.16 -13.91
C ALA B 334 -0.19 20.30 -15.06
N ARG B 335 0.27 19.05 -15.10
CA ARG B 335 -0.18 18.06 -16.10
C ARG B 335 -1.34 17.21 -15.55
N LEU B 336 -2.46 17.25 -16.26
CA LEU B 336 -3.70 16.63 -15.80
C LEU B 336 -3.98 15.25 -16.43
N LYS B 337 -4.28 14.27 -15.58
CA LYS B 337 -4.46 12.86 -15.98
C LYS B 337 -5.64 12.28 -15.22
N GLU B 338 -6.25 11.23 -15.80
CA GLU B 338 -7.45 10.64 -15.22
C GLU B 338 -7.21 10.48 -13.72
N GLY B 339 -8.13 11.03 -12.93
CA GLY B 339 -8.11 10.89 -11.47
C GLY B 339 -7.49 12.03 -10.69
N ASP B 340 -6.86 12.97 -11.40
CA ASP B 340 -6.14 14.05 -10.72
C ASP B 340 -7.13 15.00 -10.08
N VAL B 341 -6.60 15.86 -9.22
CA VAL B 341 -7.40 16.83 -8.49
C VAL B 341 -6.64 18.16 -8.42
N PHE B 342 -7.34 19.24 -8.74
CA PHE B 342 -6.75 20.58 -8.55
C PHE B 342 -7.73 21.57 -7.86
N ILE B 343 -7.18 22.30 -6.90
CA ILE B 343 -7.92 23.28 -6.13
C ILE B 343 -7.89 24.64 -6.84
N MET B 344 -9.01 25.32 -6.78
CA MET B 344 -9.28 26.41 -7.69
C MET B 344 -9.86 27.57 -6.89
N PRO B 345 -9.04 28.16 -6.03
CA PRO B 345 -9.56 29.16 -5.09
C PRO B 345 -10.29 30.34 -5.75
N ALA B 346 -11.06 31.05 -4.94
CA ALA B 346 -11.95 32.12 -5.41
C ALA B 346 -11.19 33.31 -5.98
N ALA B 347 -11.79 33.97 -6.96
CA ALA B 347 -11.18 35.16 -7.62
C ALA B 347 -9.79 34.95 -8.24
N HIS B 348 -9.34 33.69 -8.34
CA HIS B 348 -8.03 33.34 -8.92
C HIS B 348 -8.23 32.90 -10.35
N PRO B 349 -7.52 33.52 -11.29
CA PRO B 349 -7.66 33.07 -12.68
C PRO B 349 -7.10 31.69 -13.01
N VAL B 350 -7.83 30.94 -13.84
CA VAL B 350 -7.29 29.72 -14.47
C VAL B 350 -7.67 29.58 -15.94
N ALA B 351 -6.76 28.95 -16.68
CA ALA B 351 -6.99 28.53 -18.05
C ALA B 351 -6.68 27.03 -18.12
N ILE B 352 -7.46 26.32 -18.91
CA ILE B 352 -7.31 24.87 -19.07
C ILE B 352 -7.45 24.52 -20.54
N ASN B 353 -6.44 23.83 -21.07
CA ASN B 353 -6.51 23.32 -22.42
C ASN B 353 -6.52 21.79 -22.41
N ALA B 354 -7.38 21.22 -23.25
CA ALA B 354 -7.54 19.78 -23.40
C ALA B 354 -6.64 19.19 -24.49
N SER B 355 -5.76 18.28 -24.09
CA SER B 355 -4.96 17.49 -25.04
C SER B 355 -5.90 16.44 -25.61
N SER B 356 -6.59 15.76 -24.70
CA SER B 356 -7.52 14.68 -25.03
C SER B 356 -8.95 15.12 -24.69
N GLU B 357 -9.92 14.25 -24.93
CA GLU B 357 -11.32 14.58 -24.63
C GLU B 357 -11.50 14.62 -23.11
N LEU B 358 -11.56 15.83 -22.56
CA LEU B 358 -11.28 16.05 -21.13
C LEU B 358 -12.53 16.28 -20.29
N HIS B 359 -12.76 15.35 -19.36
CA HIS B 359 -13.93 15.46 -18.48
C HIS B 359 -13.55 15.78 -17.03
N LEU B 360 -14.13 16.87 -16.55
CA LEU B 360 -13.81 17.42 -15.27
C LEU B 360 -15.00 17.53 -14.35
N LEU B 361 -14.81 17.18 -13.09
CA LEU B 361 -15.87 17.28 -12.08
C LEU B 361 -15.50 18.38 -11.10
N GLY B 362 -16.50 19.11 -10.61
CA GLY B 362 -16.24 20.30 -9.81
C GLY B 362 -17.20 20.46 -8.65
N PHE B 363 -16.68 20.23 -7.45
CA PHE B 363 -17.42 20.45 -6.21
C PHE B 363 -17.14 21.85 -5.68
N GLY B 364 -18.15 22.71 -5.71
CA GLY B 364 -18.01 24.09 -5.25
C GLY B 364 -18.44 24.31 -3.79
N ILE B 365 -17.68 25.13 -3.08
CA ILE B 365 -17.94 25.54 -1.70
C ILE B 365 -18.22 27.05 -1.72
N ASN B 366 -19.01 27.55 -0.78
CA ASN B 366 -19.43 28.95 -0.81
C ASN B 366 -20.07 29.33 -2.14
N ALA B 367 -20.90 28.44 -2.66
CA ALA B 367 -21.46 28.56 -4.02
C ALA B 367 -22.58 29.62 -4.23
N GLU B 368 -23.41 29.87 -3.22
CA GLU B 368 -24.54 30.84 -3.36
C GLU B 368 -24.13 32.13 -4.06
N ASN B 369 -24.89 32.46 -5.11
CA ASN B 369 -24.61 33.64 -5.96
C ASN B 369 -23.17 33.74 -6.47
N ASN B 370 -22.58 32.59 -6.80
CA ASN B 370 -21.27 32.55 -7.46
C ASN B 370 -21.37 33.14 -8.87
N HIS B 371 -20.31 33.74 -9.35
CA HIS B 371 -20.26 34.17 -10.76
C HIS B 371 -18.97 33.73 -11.37
N ARG B 372 -19.03 32.84 -12.35
CA ARG B 372 -17.84 32.52 -13.12
C ARG B 372 -17.53 33.67 -14.08
N ILE B 373 -16.44 34.38 -13.80
CA ILE B 373 -16.10 35.57 -14.58
C ILE B 373 -15.02 35.22 -15.58
N PHE B 374 -15.16 35.74 -16.78
CA PHE B 374 -14.20 35.46 -17.86
C PHE B 374 -13.42 36.71 -18.26
N LEU B 375 -12.15 36.49 -18.55
CA LEU B 375 -11.20 37.57 -18.83
C LEU B 375 -10.93 37.72 -20.33
N ALA B 376 -11.61 36.92 -21.14
CA ALA B 376 -11.48 36.96 -22.61
C ALA B 376 -12.70 36.36 -23.30
N GLY B 377 -13.13 36.98 -24.39
CA GLY B 377 -14.31 36.53 -25.16
C GLY B 377 -15.41 37.58 -25.22
N ASP B 378 -16.37 37.41 -26.11
CA ASP B 378 -17.52 38.30 -26.17
C ASP B 378 -18.31 38.26 -24.84
N LYS B 379 -18.84 37.09 -24.48
CA LYS B 379 -19.70 37.00 -23.28
C LYS B 379 -18.97 36.53 -22.00
N ASP B 380 -19.47 37.03 -20.87
CA ASP B 380 -18.82 36.89 -19.55
C ASP B 380 -17.46 37.55 -19.54
N ASN B 381 -17.26 38.48 -20.46
CA ASN B 381 -16.02 39.22 -20.47
C ASN B 381 -16.17 40.32 -19.47
N VAL B 382 -15.42 40.21 -18.38
CA VAL B 382 -15.44 41.24 -17.34
C VAL B 382 -14.69 42.51 -17.79
N ILE B 383 -13.61 42.34 -18.54
CA ILE B 383 -12.78 43.50 -18.96
C ILE B 383 -13.56 44.44 -19.87
N ASP B 384 -14.24 43.86 -20.85
CA ASP B 384 -15.18 44.60 -21.70
C ASP B 384 -16.07 45.56 -20.90
N GLN B 385 -16.57 45.12 -19.74
CA GLN B 385 -17.51 45.90 -18.91
C GLN B 385 -16.88 47.13 -18.22
N ILE B 386 -15.58 47.11 -17.97
CA ILE B 386 -14.88 48.29 -17.45
C ILE B 386 -15.22 49.54 -18.29
N GLU B 387 -15.47 50.67 -17.64
CA GLU B 387 -15.67 51.96 -18.35
C GLU B 387 -14.51 52.26 -19.32
N LYS B 388 -14.82 52.88 -20.45
CA LYS B 388 -13.82 53.17 -21.50
C LYS B 388 -12.65 54.07 -21.05
N GLN B 389 -12.96 55.08 -20.24
CA GLN B 389 -11.92 55.93 -19.62
C GLN B 389 -11.22 55.19 -18.48
N ALA B 390 -11.87 54.17 -17.95
CA ALA B 390 -11.24 53.33 -16.92
C ALA B 390 -10.08 52.52 -17.52
N LYS B 391 -10.30 51.95 -18.71
CA LYS B 391 -9.27 51.14 -19.38
C LYS B 391 -8.08 51.98 -19.88
N ASP B 392 -8.39 53.16 -20.42
CA ASP B 392 -7.42 54.09 -20.97
C ASP B 392 -6.33 54.48 -19.99
N LEU B 393 -6.72 54.74 -18.76
CA LEU B 393 -5.78 55.16 -17.71
C LEU B 393 -5.01 53.99 -17.13
N ALA B 394 -5.75 52.93 -16.82
CA ALA B 394 -5.17 51.70 -16.27
C ALA B 394 -4.15 51.08 -17.24
N PHE B 395 -4.62 50.69 -18.43
CA PHE B 395 -3.77 49.96 -19.38
C PHE B 395 -2.77 50.86 -20.12
N PRO B 396 -1.61 50.30 -20.54
CA PRO B 396 -0.62 51.06 -21.31
C PRO B 396 -1.18 51.76 -22.55
N GLY B 397 -1.96 51.07 -23.35
CA GLY B 397 -2.60 51.68 -24.50
C GLY B 397 -3.71 52.67 -24.25
N SER B 398 -4.17 53.30 -25.32
CA SER B 398 -5.34 54.15 -25.28
C SER B 398 -6.49 53.26 -24.96
N GLY B 399 -7.65 53.85 -24.79
CA GLY B 399 -8.79 53.09 -24.42
C GLY B 399 -9.45 52.43 -25.61
N GLU B 400 -9.36 53.11 -26.75
CA GLU B 400 -10.03 52.67 -27.98
C GLU B 400 -9.30 51.55 -28.70
N GLN B 401 -7.99 51.51 -28.51
CA GLN B 401 -7.06 50.49 -28.98
C GLN B 401 -7.16 49.22 -28.12
N VAL B 402 -7.20 49.43 -26.82
CA VAL B 402 -7.43 48.37 -25.83
C VAL B 402 -8.84 47.79 -25.91
N GLU B 403 -9.80 48.63 -26.25
CA GLU B 403 -11.18 48.19 -26.48
C GLU B 403 -11.33 47.45 -27.82
N LYS B 404 -10.43 47.75 -28.75
CA LYS B 404 -10.42 47.11 -30.07
C LYS B 404 -9.91 45.66 -30.01
N LEU B 405 -8.90 45.44 -29.16
CA LEU B 405 -8.34 44.10 -28.95
C LEU B 405 -9.35 43.14 -28.28
N ILE B 406 -10.34 43.72 -27.62
CA ILE B 406 -11.39 42.95 -26.93
C ILE B 406 -12.51 42.52 -27.90
N LYS B 407 -12.76 43.35 -28.91
CA LYS B 407 -13.72 43.01 -29.97
C LYS B 407 -13.07 42.10 -31.01
N ASN B 408 -11.75 41.96 -30.90
CA ASN B 408 -10.96 41.06 -31.74
C ASN B 408 -11.39 39.62 -31.54
N GLN B 409 -11.28 39.10 -30.31
CA GLN B 409 -11.76 37.75 -30.02
C GLN B 409 -13.29 37.76 -29.93
N LYS B 410 -13.93 37.14 -30.91
CA LYS B 410 -15.38 37.28 -31.12
C LYS B 410 -16.24 36.12 -30.60
N GLU B 411 -15.60 35.01 -30.26
CA GLU B 411 -16.28 33.87 -29.59
C GLU B 411 -16.35 34.16 -28.07
N SER B 412 -16.85 33.21 -27.29
CA SER B 412 -17.06 33.44 -25.84
C SER B 412 -16.16 32.67 -24.86
N HIS B 413 -16.48 31.42 -24.58
CA HIS B 413 -15.93 30.73 -23.40
C HIS B 413 -14.86 29.71 -23.72
N PHE B 414 -15.08 28.99 -24.81
CA PHE B 414 -14.12 28.02 -25.30
C PHE B 414 -13.74 28.40 -26.72
N VAL B 415 -12.45 28.35 -27.01
CA VAL B 415 -11.95 28.55 -28.35
C VAL B 415 -10.99 27.41 -28.70
N SER B 416 -10.42 27.47 -29.91
CA SER B 416 -9.36 26.56 -30.30
C SER B 416 -8.07 26.97 -29.64
N ALA B 417 -7.50 26.06 -28.85
CA ALA B 417 -6.25 26.32 -28.11
C ALA B 417 -5.22 26.97 -29.01
N ARG B 418 -5.03 26.41 -30.21
CA ARG B 418 -4.15 26.98 -31.24
C ARG B 418 -2.76 27.32 -30.71
CL CL C . 20.49 -4.02 6.71
CL CL D . -15.23 26.44 -12.85
#